data_9HIZ
#
_entry.id   9HIZ
#
_cell.length_a   68.270
_cell.length_b   136.840
_cell.length_c   69.760
_cell.angle_alpha   90.00
_cell.angle_beta   90.12
_cell.angle_gamma   90.00
#
_symmetry.space_group_name_H-M   'P 1 21 1'
#
loop_
_entity.id
_entity.type
_entity.pdbx_description
1 polymer 'Immunoglobulin heavy constant gamma 1'
2 polymer 'DNA-binding protein 7d'
#
loop_
_entity_poly.entity_id
_entity_poly.type
_entity_poly.pdbx_seq_one_letter_code
_entity_poly.pdbx_strand_id
1 'polypeptide(L)'
;MKHHHHHHGGPSVFLFPPKPKDTLMISRTPEVTCVVVDVSHEDPEVKFNWYVDGVEVHNAKTKPREEQYNSTYRVVSVLT
VLHQDWLNGKEYKCKVSNKALPAPIEKTISKAKGQPREPQVYTLPPSRDELTKNQVSLTCLVKGFYPSDIAVEWESNGQP
ENNYKTTPPVLDSDGSFFLYSKLTVDKSRWQQGNVFSCSVMHEALHNHYTQKSLSLS
;
A,B,C,D
2 'polypeptide(L)' DAEFVKVKFLLNGEEKEVDTSKIRDVARQGKNVKFLYNDNGKYGAGNVDEKDAPKELLDMLARAEREKK R,S,T,U
#
# COMPACT_ATOMS: atom_id res chain seq x y z
N GLY A 9 -29.70 5.54 -13.21
CA GLY A 9 -29.09 4.79 -12.10
C GLY A 9 -28.99 5.64 -10.83
N GLY A 10 -29.98 5.48 -9.95
CA GLY A 10 -30.05 6.21 -8.70
C GLY A 10 -29.43 5.38 -7.58
N PRO A 11 -30.12 5.15 -6.45
CA PRO A 11 -29.59 4.36 -5.34
C PRO A 11 -29.52 2.88 -5.71
N SER A 12 -29.33 2.02 -4.68
CA SER A 12 -29.29 0.58 -4.87
C SER A 12 -29.56 -0.09 -3.52
N VAL A 13 -30.17 -1.30 -3.53
CA VAL A 13 -30.67 -1.91 -2.31
C VAL A 13 -30.20 -3.36 -2.22
N PHE A 14 -29.72 -3.74 -1.02
CA PHE A 14 -29.26 -5.09 -0.73
C PHE A 14 -29.82 -5.57 0.60
N LEU A 15 -29.90 -6.91 0.74
CA LEU A 15 -30.73 -7.53 1.75
C LEU A 15 -30.06 -8.80 2.27
N PHE A 16 -29.71 -8.80 3.56
CA PHE A 16 -28.81 -9.80 4.09
C PHE A 16 -29.54 -10.67 5.11
N PRO A 17 -29.28 -12.00 5.11
CA PRO A 17 -29.95 -12.94 5.99
C PRO A 17 -29.37 -12.88 7.39
N PRO A 18 -30.05 -13.48 8.38
CA PRO A 18 -29.57 -13.49 9.75
C PRO A 18 -28.34 -14.39 9.88
N LYS A 19 -27.60 -14.22 10.97
CA LYS A 19 -26.44 -15.04 11.25
C LYS A 19 -26.89 -16.47 11.59
N PRO A 20 -26.22 -17.50 11.06
CA PRO A 20 -26.72 -18.87 11.17
C PRO A 20 -26.95 -19.29 12.61
N LYS A 21 -26.08 -18.83 13.52
CA LYS A 21 -26.17 -19.26 14.91
C LYS A 21 -27.34 -18.57 15.61
N ASP A 22 -27.83 -17.44 15.06
CA ASP A 22 -28.91 -16.68 15.67
C ASP A 22 -30.28 -17.27 15.35
N THR A 23 -30.39 -18.06 14.29
CA THR A 23 -31.66 -18.66 13.97
C THR A 23 -31.80 -19.99 14.69
N LEU A 24 -30.71 -20.51 15.25
CA LEU A 24 -30.72 -21.86 15.83
C LEU A 24 -30.80 -21.78 17.36
N MET A 25 -30.58 -20.60 17.94
CA MET A 25 -30.58 -20.49 19.39
C MET A 25 -31.61 -19.45 19.86
N ILE A 26 -32.59 -19.95 20.63
CA ILE A 26 -33.72 -19.14 21.05
C ILE A 26 -33.25 -18.05 22.01
N SER A 27 -32.04 -18.23 22.56
CA SER A 27 -31.36 -17.27 23.41
C SER A 27 -30.90 -16.03 22.64
N ARG A 28 -30.89 -16.10 21.31
CA ARG A 28 -30.29 -15.04 20.52
C ARG A 28 -31.30 -14.45 19.54
N THR A 29 -30.99 -13.26 19.03
CA THR A 29 -31.92 -12.51 18.21
C THR A 29 -31.43 -12.51 16.76
N PRO A 30 -32.09 -13.27 15.85
CA PRO A 30 -31.80 -13.16 14.42
C PRO A 30 -32.38 -11.86 13.84
N GLU A 31 -31.75 -11.34 12.78
CA GLU A 31 -32.17 -10.12 12.11
C GLU A 31 -31.93 -10.20 10.60
N VAL A 32 -32.85 -9.62 9.82
CA VAL A 32 -32.60 -9.36 8.41
C VAL A 32 -32.23 -7.88 8.26
N THR A 33 -31.24 -7.60 7.41
CA THR A 33 -30.69 -6.26 7.28
C THR A 33 -30.82 -5.79 5.83
N CYS A 34 -31.43 -4.61 5.66
CA CYS A 34 -31.53 -3.97 4.36
C CYS A 34 -30.50 -2.84 4.29
N VAL A 35 -29.65 -2.90 3.25
CA VAL A 35 -28.63 -1.89 3.03
C VAL A 35 -28.96 -1.16 1.73
N VAL A 36 -29.03 0.18 1.81
CA VAL A 36 -29.33 1.01 0.67
C VAL A 36 -28.15 1.95 0.43
N VAL A 37 -27.59 1.88 -0.78
CA VAL A 37 -26.34 2.57 -1.11
C VAL A 37 -26.58 3.50 -2.29
N ASP A 38 -25.74 4.54 -2.38
CA ASP A 38 -25.83 5.53 -3.44
C ASP A 38 -27.09 6.36 -3.24
N VAL A 39 -27.30 6.83 -2.01
CA VAL A 39 -28.27 7.88 -1.71
C VAL A 39 -27.46 9.17 -1.56
N SER A 40 -27.89 10.25 -2.23
CA SER A 40 -27.06 11.45 -2.34
C SER A 40 -27.61 12.56 -1.44
N HIS A 41 -26.85 13.65 -1.33
CA HIS A 41 -27.23 14.83 -0.58
C HIS A 41 -28.43 15.50 -1.27
N GLU A 42 -28.41 15.47 -2.61
CA GLU A 42 -29.58 15.68 -3.43
C GLU A 42 -30.56 14.55 -3.15
N ASP A 43 -31.59 14.85 -2.35
CA ASP A 43 -32.54 13.86 -1.85
C ASP A 43 -31.82 12.87 -0.93
N PRO A 44 -31.59 13.21 0.36
CA PRO A 44 -30.99 12.29 1.31
C PRO A 44 -31.91 11.45 2.21
N GLU A 45 -33.21 11.36 1.89
CA GLU A 45 -34.20 10.76 2.79
C GLU A 45 -34.80 9.50 2.18
N VAL A 46 -34.66 8.36 2.88
CA VAL A 46 -35.12 7.05 2.42
C VAL A 46 -36.16 6.50 3.38
N LYS A 47 -37.19 5.84 2.84
CA LYS A 47 -38.28 5.27 3.64
C LYS A 47 -38.26 3.75 3.48
N PHE A 48 -38.57 3.06 4.59
CA PHE A 48 -38.52 1.61 4.66
C PHE A 48 -39.91 1.09 5.02
N ASN A 49 -40.34 0.03 4.33
CA ASN A 49 -41.51 -0.74 4.72
C ASN A 49 -41.15 -2.22 4.65
N TRP A 50 -41.46 -2.93 5.74
CA TRP A 50 -41.06 -4.32 5.90
C TRP A 50 -42.29 -5.23 5.87
N TYR A 51 -42.18 -6.34 5.14
CA TYR A 51 -43.31 -7.24 4.96
C TYR A 51 -42.85 -8.68 5.21
N VAL A 52 -43.66 -9.42 5.97
CA VAL A 52 -43.40 -10.81 6.28
C VAL A 52 -44.52 -11.65 5.67
N ASP A 53 -44.33 -12.09 4.42
CA ASP A 53 -45.42 -12.67 3.66
C ASP A 53 -46.54 -11.64 3.54
N GLY A 54 -46.21 -10.51 2.91
CA GLY A 54 -47.18 -9.47 2.64
C GLY A 54 -47.40 -8.55 3.85
N VAL A 55 -47.54 -9.14 5.04
CA VAL A 55 -48.00 -8.42 6.22
C VAL A 55 -46.96 -7.40 6.68
N GLU A 56 -47.39 -6.14 6.79
CA GLU A 56 -46.50 -5.07 7.19
C GLU A 56 -46.17 -5.22 8.66
N VAL A 57 -44.93 -4.85 9.01
CA VAL A 57 -44.37 -5.05 10.34
C VAL A 57 -43.62 -3.78 10.72
N HIS A 58 -43.76 -3.36 11.98
CA HIS A 58 -43.31 -2.04 12.40
C HIS A 58 -42.35 -2.17 13.58
N ASN A 59 -41.55 -3.24 13.57
CA ASN A 59 -40.56 -3.44 14.61
C ASN A 59 -39.15 -3.27 14.05
N ALA A 60 -39.03 -2.97 12.75
CA ALA A 60 -37.73 -2.66 12.17
C ALA A 60 -37.13 -1.44 12.87
N LYS A 61 -35.84 -1.19 12.66
CA LYS A 61 -35.18 0.04 13.07
C LYS A 61 -34.20 0.44 11.97
N THR A 62 -34.04 1.75 11.74
CA THR A 62 -33.13 2.25 10.73
C THR A 62 -31.99 2.98 11.42
N LYS A 63 -30.78 2.40 11.32
CA LYS A 63 -29.58 3.04 11.84
C LYS A 63 -29.35 4.34 11.06
N PRO A 64 -28.79 5.39 11.70
CA PRO A 64 -28.61 6.67 11.04
C PRO A 64 -27.79 6.61 9.75
N ARG A 65 -27.93 7.65 8.93
CA ARG A 65 -27.18 7.82 7.70
C ARG A 65 -25.70 7.59 7.95
N GLU A 66 -24.98 7.20 6.89
CA GLU A 66 -23.52 7.17 6.86
C GLU A 66 -23.02 7.57 5.48
N GLU A 67 -22.05 8.51 5.43
CA GLU A 67 -21.58 9.02 4.15
C GLU A 67 -20.21 8.40 3.82
N GLN A 68 -19.95 8.25 2.52
CA GLN A 68 -18.77 7.56 2.03
C GLN A 68 -18.00 8.53 1.14
N TYR A 69 -16.99 7.98 0.44
CA TYR A 69 -16.06 8.72 -0.39
C TYR A 69 -16.79 9.50 -1.49
N ASN A 70 -17.84 8.89 -2.06
CA ASN A 70 -18.53 9.44 -3.21
C ASN A 70 -19.51 10.54 -2.80
N SER A 71 -19.48 10.91 -1.51
CA SER A 71 -20.45 11.83 -0.93
C SER A 71 -21.87 11.27 -1.11
N THR A 72 -21.98 9.97 -1.40
CA THR A 72 -23.24 9.28 -1.31
C THR A 72 -23.38 8.80 0.13
N TYR A 73 -24.61 8.60 0.57
CA TYR A 73 -24.90 7.98 1.86
C TYR A 73 -25.07 6.46 1.70
N ARG A 74 -25.34 5.83 2.85
CA ARG A 74 -25.72 4.43 2.92
C ARG A 74 -26.60 4.26 4.15
N VAL A 75 -27.84 3.79 3.97
CA VAL A 75 -28.76 3.66 5.10
C VAL A 75 -29.12 2.19 5.28
N VAL A 76 -29.30 1.79 6.56
CA VAL A 76 -29.45 0.39 6.92
C VAL A 76 -30.64 0.20 7.88
N SER A 77 -31.58 -0.64 7.48
CA SER A 77 -32.68 -1.06 8.33
C SER A 77 -32.36 -2.44 8.92
N VAL A 78 -32.86 -2.70 10.14
CA VAL A 78 -32.58 -3.95 10.84
C VAL A 78 -33.88 -4.54 11.41
N LEU A 79 -34.36 -5.61 10.79
CA LEU A 79 -35.63 -6.20 11.17
C LEU A 79 -35.33 -7.45 11.97
N THR A 80 -35.52 -7.39 13.29
CA THR A 80 -35.44 -8.60 14.11
C THR A 80 -36.59 -9.52 13.73
N VAL A 81 -36.30 -10.82 13.61
CA VAL A 81 -37.24 -11.81 13.10
C VAL A 81 -37.42 -12.93 14.13
N LEU A 82 -38.38 -13.81 13.87
CA LEU A 82 -38.56 -14.98 14.71
C LEU A 82 -37.81 -16.14 14.09
N HIS A 83 -37.07 -16.86 14.94
CA HIS A 83 -36.39 -18.09 14.57
C HIS A 83 -37.26 -18.93 13.65
N GLN A 84 -38.45 -19.29 14.16
CA GLN A 84 -39.31 -20.25 13.48
C GLN A 84 -39.87 -19.66 12.18
N ASP A 85 -40.06 -18.34 12.12
CA ASP A 85 -40.52 -17.72 10.88
C ASP A 85 -39.50 -17.97 9.78
N TRP A 86 -38.27 -17.52 10.01
CA TRP A 86 -37.17 -17.68 9.06
C TRP A 86 -37.06 -19.14 8.63
N LEU A 87 -37.00 -20.03 9.63
CA LEU A 87 -36.68 -21.44 9.43
C LEU A 87 -37.82 -22.17 8.73
N ASN A 88 -39.06 -21.68 8.88
CA ASN A 88 -40.19 -22.27 8.19
C ASN A 88 -40.29 -21.67 6.78
N GLY A 89 -39.40 -20.72 6.48
CA GLY A 89 -39.15 -20.30 5.11
C GLY A 89 -40.08 -19.16 4.72
N LYS A 90 -40.40 -18.31 5.67
CA LYS A 90 -41.17 -17.11 5.37
C LYS A 90 -40.27 -16.14 4.61
N GLU A 91 -40.93 -15.17 3.96
CA GLU A 91 -40.31 -14.25 3.03
C GLU A 91 -40.33 -12.83 3.61
N TYR A 92 -39.17 -12.17 3.51
CA TYR A 92 -38.96 -10.86 4.08
C TYR A 92 -38.73 -9.89 2.92
N LYS A 93 -39.68 -8.99 2.72
CA LYS A 93 -39.60 -7.97 1.70
C LYS A 93 -39.23 -6.64 2.36
N CYS A 94 -38.46 -5.82 1.66
CA CYS A 94 -38.23 -4.45 2.08
C CYS A 94 -38.54 -3.53 0.90
N LYS A 95 -39.50 -2.63 1.12
CA LYS A 95 -39.85 -1.60 0.16
C LYS A 95 -39.04 -0.35 0.49
N VAL A 96 -38.07 -0.05 -0.38
CA VAL A 96 -37.21 1.11 -0.21
C VAL A 96 -37.74 2.21 -1.11
N SER A 97 -37.92 3.41 -0.53
CA SER A 97 -38.59 4.50 -1.21
C SER A 97 -37.76 5.78 -1.09
N ASN A 98 -36.95 6.02 -2.13
CA ASN A 98 -36.33 7.33 -2.37
C ASN A 98 -37.14 8.02 -3.48
N LYS A 99 -37.03 9.35 -3.52
CA LYS A 99 -37.67 10.11 -4.59
C LYS A 99 -36.88 9.87 -5.87
N ALA A 100 -35.54 9.90 -5.77
CA ALA A 100 -34.61 9.72 -6.88
C ALA A 100 -35.03 8.58 -7.81
N LEU A 101 -35.48 7.45 -7.25
CA LEU A 101 -35.87 6.30 -8.06
C LEU A 101 -37.26 6.54 -8.65
N PRO A 102 -37.46 6.35 -9.97
CA PRO A 102 -38.78 6.50 -10.59
C PRO A 102 -39.92 5.80 -9.85
N ALA A 103 -39.62 4.61 -9.31
CA ALA A 103 -40.55 3.85 -8.50
C ALA A 103 -39.79 3.24 -7.32
N PRO A 104 -40.34 3.24 -6.07
CA PRO A 104 -39.74 2.50 -4.95
C PRO A 104 -39.25 1.10 -5.30
N ILE A 105 -38.26 0.61 -4.53
CA ILE A 105 -37.58 -0.66 -4.79
C ILE A 105 -38.11 -1.74 -3.84
N GLU A 106 -38.39 -2.92 -4.40
CA GLU A 106 -38.81 -4.09 -3.65
C GLU A 106 -37.78 -5.20 -3.79
N LYS A 107 -37.19 -5.58 -2.66
CA LYS A 107 -36.29 -6.73 -2.55
C LYS A 107 -36.86 -7.71 -1.53
N THR A 108 -36.72 -9.01 -1.84
CA THR A 108 -37.23 -10.09 -1.00
C THR A 108 -36.09 -11.07 -0.70
N ILE A 109 -36.03 -11.54 0.57
CA ILE A 109 -35.05 -12.54 0.98
C ILE A 109 -35.76 -13.59 1.84
N SER A 110 -35.21 -14.82 1.85
CA SER A 110 -35.77 -15.95 2.57
C SER A 110 -34.78 -17.11 2.57
N LYS A 111 -34.91 -17.99 3.56
CA LYS A 111 -34.14 -19.24 3.62
C LYS A 111 -34.25 -20.01 2.32
N ALA A 112 -33.19 -20.78 2.02
CA ALA A 112 -33.10 -21.52 0.76
C ALA A 112 -34.09 -22.68 0.74
N LYS A 113 -34.85 -22.74 -0.36
CA LYS A 113 -35.91 -23.72 -0.52
C LYS A 113 -35.28 -25.10 -0.73
N GLY A 114 -35.87 -26.14 -0.13
CA GLY A 114 -35.47 -27.51 -0.37
C GLY A 114 -35.46 -28.31 0.91
N GLN A 115 -35.65 -29.62 0.77
CA GLN A 115 -35.65 -30.54 1.90
C GLN A 115 -34.34 -30.34 2.65
N PRO A 116 -34.38 -29.98 3.95
CA PRO A 116 -33.18 -29.94 4.78
C PRO A 116 -32.44 -31.27 4.86
N ARG A 117 -31.11 -31.20 5.02
CA ARG A 117 -30.26 -32.37 5.00
C ARG A 117 -29.17 -32.24 6.07
N GLU A 118 -28.96 -33.32 6.82
CA GLU A 118 -28.09 -33.32 7.98
C GLU A 118 -26.62 -33.34 7.58
N PRO A 119 -25.77 -32.45 8.15
CA PRO A 119 -24.33 -32.47 7.94
C PRO A 119 -23.64 -33.71 8.50
N GLN A 120 -22.68 -34.25 7.74
CA GLN A 120 -21.80 -35.30 8.25
C GLN A 120 -20.46 -34.66 8.60
N VAL A 121 -20.06 -34.79 9.88
CA VAL A 121 -18.91 -34.11 10.42
C VAL A 121 -17.80 -35.12 10.66
N TYR A 122 -16.69 -34.98 9.94
CA TYR A 122 -15.54 -35.86 10.07
C TYR A 122 -14.28 -35.02 10.29
N THR A 123 -13.51 -35.36 11.33
CA THR A 123 -12.25 -34.69 11.59
C THR A 123 -11.14 -35.54 10.98
N LEU A 124 -10.14 -34.86 10.43
CA LEU A 124 -8.96 -35.46 9.82
C LEU A 124 -7.73 -34.93 10.54
N PRO A 125 -6.78 -35.80 10.99
CA PRO A 125 -5.51 -35.34 11.55
C PRO A 125 -4.51 -34.83 10.51
N PRO A 126 -3.42 -34.17 10.96
CA PRO A 126 -2.40 -33.65 10.05
C PRO A 126 -1.80 -34.74 9.13
N SER A 127 -1.38 -34.34 7.94
CA SER A 127 -0.56 -35.20 7.09
C SER A 127 0.75 -35.52 7.80
N ARG A 128 1.32 -36.71 7.55
CA ARG A 128 2.60 -37.09 8.11
C ARG A 128 3.65 -36.06 7.69
N ASP A 129 3.59 -35.62 6.42
CA ASP A 129 4.59 -34.70 5.89
C ASP A 129 4.53 -33.37 6.65
N GLU A 130 3.36 -33.00 7.18
CA GLU A 130 3.20 -31.70 7.81
C GLU A 130 3.93 -31.65 9.15
N LEU A 131 4.23 -32.83 9.72
CA LEU A 131 4.77 -32.96 11.07
C LEU A 131 6.18 -32.39 11.16
N THR A 132 6.83 -32.20 10.01
CA THR A 132 8.15 -31.63 10.00
C THR A 132 8.08 -30.13 10.32
N LYS A 133 6.88 -29.55 10.39
CA LYS A 133 6.75 -28.11 10.59
C LYS A 133 6.56 -27.79 12.07
N ASN A 134 6.47 -26.49 12.41
CA ASN A 134 6.24 -26.07 13.78
C ASN A 134 4.75 -26.03 14.07
N GLN A 135 3.94 -25.56 13.10
CA GLN A 135 2.50 -25.61 13.25
C GLN A 135 1.93 -26.75 12.42
N VAL A 136 0.82 -27.33 12.90
CA VAL A 136 0.15 -28.38 12.17
C VAL A 136 -1.31 -28.01 11.96
N SER A 137 -1.94 -28.68 10.98
CA SER A 137 -3.29 -28.32 10.51
C SER A 137 -4.27 -29.43 10.88
N LEU A 138 -5.10 -29.12 11.89
CA LEU A 138 -6.22 -29.98 12.25
C LEU A 138 -7.40 -29.63 11.35
N THR A 139 -7.97 -30.64 10.69
CA THR A 139 -8.93 -30.43 9.61
C THR A 139 -10.29 -30.98 10.03
N CYS A 140 -11.39 -30.32 9.62
CA CYS A 140 -12.73 -30.85 9.76
C CYS A 140 -13.52 -30.71 8.45
N LEU A 141 -14.05 -31.84 7.98
CA LEU A 141 -14.90 -31.91 6.80
C LEU A 141 -16.36 -31.94 7.23
N VAL A 142 -17.17 -31.02 6.70
CA VAL A 142 -18.61 -31.07 6.87
C VAL A 142 -19.26 -31.22 5.49
N LYS A 143 -20.07 -32.26 5.31
CA LYS A 143 -20.48 -32.77 4.02
C LYS A 143 -21.97 -33.09 3.99
N GLY A 144 -22.59 -32.91 2.80
CA GLY A 144 -23.92 -33.40 2.52
C GLY A 144 -25.05 -32.71 3.28
N PHE A 145 -24.92 -31.39 3.50
CA PHE A 145 -25.89 -30.66 4.31
C PHE A 145 -26.64 -29.61 3.47
N TYR A 146 -27.86 -29.31 3.93
CA TYR A 146 -28.73 -28.37 3.24
C TYR A 146 -29.70 -27.76 4.25
N PRO A 147 -30.02 -26.45 4.18
CA PRO A 147 -29.32 -25.50 3.31
C PRO A 147 -27.95 -25.14 3.87
N SER A 148 -27.28 -24.22 3.18
CA SER A 148 -25.87 -23.95 3.38
C SER A 148 -25.63 -23.22 4.70
N ASP A 149 -26.63 -22.48 5.20
CA ASP A 149 -26.52 -21.78 6.46
C ASP A 149 -26.00 -22.72 7.55
N ILE A 150 -24.84 -22.41 8.12
CA ILE A 150 -24.19 -23.27 9.11
C ILE A 150 -23.20 -22.45 9.93
N ALA A 151 -22.90 -22.95 11.14
CA ALA A 151 -21.91 -22.37 12.04
C ALA A 151 -20.86 -23.42 12.36
N VAL A 152 -19.60 -23.01 12.56
CA VAL A 152 -18.51 -23.94 12.84
C VAL A 152 -17.46 -23.25 13.71
N GLU A 153 -17.17 -23.86 14.89
CA GLU A 153 -16.15 -23.36 15.78
C GLU A 153 -15.29 -24.51 16.30
N TRP A 154 -14.14 -24.15 16.86
CA TRP A 154 -13.22 -25.11 17.45
C TRP A 154 -12.98 -24.77 18.92
N GLU A 155 -12.60 -25.79 19.69
CA GLU A 155 -12.32 -25.61 21.10
C GLU A 155 -11.47 -26.77 21.62
N SER A 156 -10.84 -26.51 22.78
CA SER A 156 -10.08 -27.50 23.49
C SER A 156 -10.11 -27.19 24.98
N ASN A 157 -10.04 -28.25 25.80
CA ASN A 157 -10.10 -28.11 27.25
C ASN A 157 -11.21 -27.13 27.65
N GLY A 158 -12.38 -27.26 27.01
CA GLY A 158 -13.54 -26.44 27.33
C GLY A 158 -13.28 -24.95 27.15
N GLN A 159 -12.48 -24.58 26.15
CA GLN A 159 -12.19 -23.19 25.89
C GLN A 159 -12.05 -22.98 24.39
N PRO A 160 -12.52 -21.82 23.85
CA PRO A 160 -12.40 -21.54 22.41
C PRO A 160 -10.97 -21.55 21.88
N GLU A 161 -10.77 -22.27 20.77
CA GLU A 161 -9.56 -22.15 19.96
C GLU A 161 -9.89 -21.29 18.75
N ASN A 162 -9.18 -20.18 18.57
CA ASN A 162 -9.66 -19.18 17.62
C ASN A 162 -8.81 -19.12 16.35
N ASN A 163 -7.79 -19.98 16.25
CA ASN A 163 -6.85 -19.86 15.14
C ASN A 163 -7.26 -20.87 14.07
N TYR A 164 -8.43 -20.61 13.49
CA TYR A 164 -8.95 -21.45 12.43
C TYR A 164 -9.59 -20.55 11.39
N LYS A 165 -9.73 -21.12 10.20
CA LYS A 165 -10.46 -20.52 9.10
C LYS A 165 -11.32 -21.63 8.51
N THR A 166 -12.52 -21.26 8.07
CA THR A 166 -13.44 -22.21 7.47
C THR A 166 -13.71 -21.77 6.04
N THR A 167 -13.83 -22.73 5.13
CA THR A 167 -14.06 -22.35 3.76
C THR A 167 -15.52 -21.91 3.66
N PRO A 168 -15.90 -21.21 2.57
CA PRO A 168 -17.29 -21.08 2.19
C PRO A 168 -17.86 -22.46 1.93
N PRO A 169 -19.19 -22.59 1.98
CA PRO A 169 -19.86 -23.80 1.57
C PRO A 169 -19.70 -23.89 0.06
N VAL A 170 -19.74 -25.13 -0.41
CA VAL A 170 -19.47 -25.47 -1.78
C VAL A 170 -20.53 -26.46 -2.23
N LEU A 171 -21.12 -26.19 -3.39
CA LEU A 171 -22.21 -26.98 -3.90
C LEU A 171 -21.63 -28.29 -4.43
N ASP A 172 -22.16 -29.39 -3.90
CA ASP A 172 -21.68 -30.70 -4.28
C ASP A 172 -22.48 -31.20 -5.47
N SER A 173 -22.05 -32.36 -6.00
CA SER A 173 -22.63 -32.92 -7.21
C SER A 173 -24.05 -33.43 -6.96
N ASP A 174 -24.40 -33.69 -5.69
CA ASP A 174 -25.74 -34.15 -5.35
C ASP A 174 -26.62 -32.97 -4.92
N GLY A 175 -26.12 -31.73 -4.99
CA GLY A 175 -26.89 -30.55 -4.64
C GLY A 175 -26.91 -30.25 -3.14
N SER A 176 -26.13 -31.01 -2.34
CA SER A 176 -25.89 -30.66 -0.94
C SER A 176 -24.68 -29.72 -0.86
N PHE A 177 -24.25 -29.39 0.36
CA PHE A 177 -23.09 -28.52 0.54
C PHE A 177 -21.99 -29.24 1.32
N PHE A 178 -20.75 -28.81 1.11
CA PHE A 178 -19.66 -29.20 1.99
C PHE A 178 -18.80 -27.98 2.22
N LEU A 179 -18.08 -27.99 3.35
CA LEU A 179 -17.00 -27.07 3.60
C LEU A 179 -15.91 -27.81 4.36
N TYR A 180 -14.74 -27.17 4.52
CA TYR A 180 -13.69 -27.65 5.40
C TYR A 180 -13.35 -26.52 6.38
N SER A 181 -13.02 -26.92 7.62
CA SER A 181 -12.48 -25.98 8.59
C SER A 181 -11.08 -26.42 9.02
N LYS A 182 -10.19 -25.45 9.23
CA LYS A 182 -8.78 -25.69 9.47
C LYS A 182 -8.27 -24.91 10.68
N LEU A 183 -7.98 -25.63 11.77
CA LEU A 183 -7.38 -25.08 12.98
C LEU A 183 -5.89 -25.37 12.96
N THR A 184 -5.11 -24.33 13.25
CA THR A 184 -3.66 -24.41 13.24
C THR A 184 -3.16 -24.34 14.68
N VAL A 185 -2.20 -25.21 15.03
CA VAL A 185 -1.76 -25.36 16.41
C VAL A 185 -0.31 -25.79 16.42
N ASP A 186 0.44 -25.25 17.40
CA ASP A 186 1.85 -25.55 17.56
C ASP A 186 2.01 -27.06 17.72
N LYS A 187 2.95 -27.62 16.95
CA LYS A 187 3.12 -29.06 16.87
C LYS A 187 3.36 -29.63 18.26
N SER A 188 4.04 -28.87 19.13
CA SER A 188 4.15 -29.19 20.55
C SER A 188 2.81 -29.72 21.11
N ARG A 189 1.77 -28.89 21.00
CA ARG A 189 0.47 -29.18 21.59
C ARG A 189 -0.16 -30.41 20.96
N TRP A 190 -0.06 -30.54 19.65
CA TRP A 190 -0.66 -31.69 18.99
C TRP A 190 0.03 -32.95 19.50
N GLN A 191 1.35 -32.85 19.74
CA GLN A 191 2.21 -34.00 19.99
C GLN A 191 2.15 -34.43 21.46
N GLN A 192 1.93 -33.48 22.38
CA GLN A 192 1.68 -33.82 23.76
C GLN A 192 0.58 -34.88 23.83
N GLY A 193 -0.57 -34.56 23.21
CA GLY A 193 -1.70 -35.46 23.08
C GLY A 193 -3.00 -34.83 23.55
N ASN A 194 -3.13 -33.50 23.40
CA ASN A 194 -4.35 -32.80 23.79
C ASN A 194 -5.48 -33.18 22.86
N VAL A 195 -6.70 -32.79 23.24
CA VAL A 195 -7.88 -33.12 22.46
C VAL A 195 -8.49 -31.84 21.94
N PHE A 196 -8.83 -31.84 20.64
CA PHE A 196 -9.47 -30.70 20.00
C PHE A 196 -10.83 -31.14 19.48
N SER A 197 -11.75 -30.17 19.46
CA SER A 197 -13.11 -30.46 19.05
C SER A 197 -13.62 -29.41 18.06
N CYS A 198 -14.34 -29.90 17.05
CA CYS A 198 -15.03 -29.04 16.10
C CYS A 198 -16.52 -29.10 16.35
N SER A 199 -17.11 -27.96 16.76
CA SER A 199 -18.53 -27.85 17.01
C SER A 199 -19.20 -27.36 15.72
N VAL A 200 -20.26 -28.06 15.30
CA VAL A 200 -21.03 -27.68 14.12
C VAL A 200 -22.46 -27.46 14.56
N MET A 201 -23.09 -26.38 14.07
CA MET A 201 -24.49 -26.13 14.37
C MET A 201 -25.23 -25.92 13.05
N HIS A 202 -26.35 -26.63 12.90
CA HIS A 202 -27.17 -26.67 11.70
C HIS A 202 -28.61 -27.03 12.10
N GLU A 203 -29.58 -26.63 11.28
CA GLU A 203 -30.99 -26.85 11.59
C GLU A 203 -31.31 -28.34 11.59
N ALA A 204 -30.57 -29.11 10.79
CA ALA A 204 -30.90 -30.50 10.53
C ALA A 204 -30.21 -31.42 11.54
N LEU A 205 -29.48 -30.84 12.49
CA LEU A 205 -28.87 -31.65 13.55
C LEU A 205 -29.81 -31.71 14.74
N HIS A 206 -29.81 -32.89 15.38
CA HIS A 206 -30.40 -33.05 16.69
C HIS A 206 -29.76 -32.00 17.59
N ASN A 207 -30.58 -31.22 18.30
CA ASN A 207 -30.12 -30.21 19.24
C ASN A 207 -29.50 -29.02 18.50
N HIS A 208 -29.64 -28.96 17.17
CA HIS A 208 -29.00 -27.93 16.36
C HIS A 208 -27.49 -27.87 16.63
N TYR A 209 -26.87 -29.03 16.92
CA TYR A 209 -25.53 -29.01 17.49
C TYR A 209 -24.92 -30.40 17.48
N THR A 210 -23.67 -30.50 17.08
CA THR A 210 -22.93 -31.74 17.16
C THR A 210 -21.45 -31.40 17.28
N GLN A 211 -20.64 -32.39 17.64
CA GLN A 211 -19.25 -32.16 17.94
C GLN A 211 -18.46 -33.42 17.64
N LYS A 212 -17.21 -33.22 17.20
CA LYS A 212 -16.33 -34.32 16.84
C LYS A 212 -14.92 -33.94 17.30
N SER A 213 -14.17 -34.94 17.77
CA SER A 213 -12.94 -34.69 18.48
C SER A 213 -11.79 -35.35 17.75
N LEU A 214 -10.57 -34.95 18.14
CA LEU A 214 -9.38 -35.26 17.37
C LEU A 214 -8.16 -35.12 18.29
N SER A 215 -7.29 -36.14 18.28
CA SER A 215 -6.14 -36.17 19.17
C SER A 215 -5.07 -37.11 18.64
N LEU A 216 -3.83 -36.87 19.08
CA LEU A 216 -2.62 -37.41 18.47
C LEU A 216 -2.57 -38.93 18.43
N SER A 217 -3.19 -39.57 19.44
CA SER A 217 -2.90 -40.97 19.72
C SER A 217 -4.02 -41.87 19.19
N GLY B 9 -27.42 3.48 -16.06
CA GLY B 9 -26.42 2.92 -16.99
C GLY B 9 -26.84 1.55 -17.52
N GLY B 10 -27.43 1.53 -18.72
CA GLY B 10 -28.20 0.41 -19.23
C GLY B 10 -27.44 -0.92 -19.31
N PRO B 11 -26.31 -1.00 -20.06
CA PRO B 11 -25.58 -2.27 -20.21
C PRO B 11 -24.86 -2.65 -18.91
N SER B 12 -23.93 -3.60 -19.01
CA SER B 12 -23.12 -4.02 -17.87
C SER B 12 -21.87 -4.73 -18.38
N VAL B 13 -20.77 -4.64 -17.62
CA VAL B 13 -19.45 -5.03 -18.08
C VAL B 13 -18.75 -5.92 -17.05
N PHE B 14 -18.08 -6.98 -17.54
CA PHE B 14 -17.26 -7.85 -16.72
C PHE B 14 -15.93 -8.14 -17.41
N LEU B 15 -14.92 -8.41 -16.59
CA LEU B 15 -13.55 -8.58 -17.03
C LEU B 15 -12.93 -9.75 -16.26
N PHE B 16 -12.54 -10.80 -16.99
CA PHE B 16 -12.11 -12.03 -16.36
C PHE B 16 -10.63 -12.25 -16.61
N PRO B 17 -9.90 -12.77 -15.59
CA PRO B 17 -8.48 -13.05 -15.73
C PRO B 17 -8.29 -14.35 -16.51
N PRO B 18 -7.06 -14.67 -16.93
CA PRO B 18 -6.82 -15.91 -17.66
C PRO B 18 -6.94 -17.10 -16.71
N LYS B 19 -7.12 -18.29 -17.30
CA LYS B 19 -7.22 -19.51 -16.51
C LYS B 19 -5.86 -19.82 -15.89
N PRO B 20 -5.81 -20.25 -14.61
CA PRO B 20 -4.53 -20.39 -13.91
C PRO B 20 -3.56 -21.29 -14.63
N LYS B 21 -4.07 -22.33 -15.28
CA LYS B 21 -3.26 -23.33 -15.95
C LYS B 21 -2.67 -22.74 -17.23
N ASP B 22 -3.30 -21.71 -17.81
CA ASP B 22 -2.88 -21.14 -19.07
C ASP B 22 -1.72 -20.16 -18.92
N THR B 23 -1.53 -19.63 -17.72
CA THR B 23 -0.43 -18.71 -17.51
C THR B 23 0.81 -19.50 -17.10
N LEU B 24 0.64 -20.79 -16.75
CA LEU B 24 1.75 -21.57 -16.23
C LEU B 24 2.32 -22.51 -17.29
N MET B 25 1.62 -22.68 -18.42
CA MET B 25 2.08 -23.60 -19.45
C MET B 25 2.28 -22.86 -20.77
N ILE B 26 3.53 -22.84 -21.22
CA ILE B 26 3.93 -22.10 -22.42
C ILE B 26 3.28 -22.73 -23.66
N SER B 27 2.82 -23.98 -23.50
CA SER B 27 2.04 -24.72 -24.49
C SER B 27 0.65 -24.14 -24.71
N ARG B 28 0.20 -23.26 -23.82
CA ARG B 28 -1.18 -22.80 -23.88
C ARG B 28 -1.22 -21.29 -24.03
N THR B 29 -2.40 -20.82 -24.43
CA THR B 29 -2.66 -19.41 -24.62
C THR B 29 -3.53 -18.87 -23.48
N PRO B 30 -2.97 -18.05 -22.57
CA PRO B 30 -3.79 -17.28 -21.64
C PRO B 30 -4.49 -16.11 -22.34
N GLU B 31 -5.65 -15.70 -21.79
CA GLU B 31 -6.45 -14.61 -22.33
C GLU B 31 -7.16 -13.83 -21.20
N VAL B 32 -7.27 -12.51 -21.36
CA VAL B 32 -8.19 -11.72 -20.57
C VAL B 32 -9.45 -11.46 -21.41
N THR B 33 -10.62 -11.59 -20.76
CA THR B 33 -11.88 -11.60 -21.48
C THR B 33 -12.79 -10.52 -20.91
N CYS B 34 -13.27 -9.64 -21.81
CA CYS B 34 -14.22 -8.61 -21.45
C CYS B 34 -15.61 -9.03 -21.93
N VAL B 35 -16.57 -9.07 -21.00
CA VAL B 35 -17.93 -9.49 -21.31
C VAL B 35 -18.86 -8.31 -21.05
N VAL B 36 -19.67 -7.96 -22.06
CA VAL B 36 -20.58 -6.83 -21.96
C VAL B 36 -22.00 -7.35 -22.23
N VAL B 37 -22.91 -7.09 -21.28
CA VAL B 37 -24.26 -7.65 -21.31
C VAL B 37 -25.28 -6.52 -21.28
N ASP B 38 -26.48 -6.80 -21.82
CA ASP B 38 -27.59 -5.86 -21.78
C ASP B 38 -27.28 -4.66 -22.69
N VAL B 39 -26.86 -4.98 -23.92
CA VAL B 39 -26.61 -3.99 -24.94
C VAL B 39 -27.85 -3.90 -25.83
N SER B 40 -28.25 -2.67 -26.15
CA SER B 40 -29.52 -2.36 -26.77
C SER B 40 -29.53 -2.65 -28.27
N HIS B 41 -30.66 -3.16 -28.77
CA HIS B 41 -30.81 -3.49 -30.19
C HIS B 41 -30.87 -2.19 -30.99
N GLU B 42 -31.50 -1.19 -30.38
CA GLU B 42 -31.52 0.17 -30.89
C GLU B 42 -30.11 0.75 -31.02
N ASP B 43 -29.26 0.60 -29.99
CA ASP B 43 -27.89 1.13 -29.99
C ASP B 43 -26.90 -0.01 -29.81
N PRO B 44 -26.59 -0.81 -30.87
CA PRO B 44 -25.86 -2.08 -30.69
C PRO B 44 -24.35 -2.05 -30.93
N GLU B 45 -23.83 -0.90 -31.37
CA GLU B 45 -22.40 -0.74 -31.60
C GLU B 45 -21.68 -0.63 -30.25
N VAL B 46 -20.77 -1.60 -30.01
CA VAL B 46 -19.89 -1.59 -28.86
C VAL B 46 -18.46 -1.45 -29.39
N LYS B 47 -17.69 -0.57 -28.74
CA LYS B 47 -16.29 -0.39 -29.13
C LYS B 47 -15.40 -0.81 -27.95
N PHE B 48 -14.32 -1.53 -28.29
CA PHE B 48 -13.37 -2.03 -27.31
C PHE B 48 -12.01 -1.42 -27.58
N ASN B 49 -11.35 -0.96 -26.50
CA ASN B 49 -9.98 -0.52 -26.57
C ASN B 49 -9.22 -1.17 -25.41
N TRP B 50 -8.10 -1.80 -25.75
CA TRP B 50 -7.34 -2.60 -24.81
C TRP B 50 -6.00 -1.92 -24.52
N TYR B 51 -5.62 -1.89 -23.25
CA TYR B 51 -4.42 -1.22 -22.82
C TYR B 51 -3.62 -2.13 -21.89
N VAL B 52 -2.31 -2.18 -22.13
CA VAL B 52 -1.40 -3.00 -21.32
C VAL B 52 -0.42 -2.04 -20.65
N ASP B 53 -0.75 -1.60 -19.45
CA ASP B 53 0.00 -0.52 -18.81
C ASP B 53 -0.08 0.71 -19.70
N GLY B 54 -1.30 1.19 -19.94
CA GLY B 54 -1.51 2.40 -20.72
C GLY B 54 -1.52 2.12 -22.22
N VAL B 55 -0.54 1.34 -22.69
CA VAL B 55 -0.25 1.21 -24.11
C VAL B 55 -1.36 0.47 -24.84
N GLU B 56 -1.89 1.11 -25.89
CA GLU B 56 -2.99 0.53 -26.65
C GLU B 56 -2.45 -0.64 -27.47
N VAL B 57 -3.30 -1.65 -27.62
CA VAL B 57 -2.94 -2.91 -28.24
C VAL B 57 -4.09 -3.33 -29.15
N HIS B 58 -3.72 -3.88 -30.30
CA HIS B 58 -4.65 -4.00 -31.41
C HIS B 58 -4.68 -5.46 -31.86
N ASN B 59 -4.54 -6.38 -30.91
CA ASN B 59 -4.56 -7.79 -31.23
C ASN B 59 -5.82 -8.44 -30.66
N ALA B 60 -6.66 -7.67 -29.97
CA ALA B 60 -7.86 -8.23 -29.36
C ALA B 60 -8.74 -8.83 -30.46
N LYS B 61 -9.73 -9.61 -30.04
CA LYS B 61 -10.74 -10.14 -30.96
C LYS B 61 -12.08 -10.02 -30.24
N THR B 62 -13.09 -9.57 -30.99
CA THR B 62 -14.44 -9.49 -30.45
C THR B 62 -15.28 -10.55 -31.13
N LYS B 63 -15.72 -11.55 -30.35
CA LYS B 63 -16.63 -12.56 -30.85
C LYS B 63 -17.92 -11.87 -31.29
N PRO B 64 -18.58 -12.33 -32.38
CA PRO B 64 -19.79 -11.67 -32.88
C PRO B 64 -20.87 -11.60 -31.81
N ARG B 65 -21.85 -10.73 -32.05
CA ARG B 65 -22.98 -10.53 -31.16
C ARG B 65 -23.58 -11.90 -30.80
N GLU B 66 -24.15 -11.99 -29.59
CA GLU B 66 -24.87 -13.18 -29.19
C GLU B 66 -26.10 -12.66 -28.46
N GLU B 67 -27.27 -12.93 -29.05
CA GLU B 67 -28.51 -12.35 -28.56
C GLU B 67 -29.27 -13.42 -27.79
N GLN B 68 -30.09 -12.96 -26.82
CA GLN B 68 -30.85 -13.88 -26.00
C GLN B 68 -32.34 -13.75 -26.33
N TYR B 69 -33.15 -14.49 -25.57
CA TYR B 69 -34.60 -14.31 -25.51
C TYR B 69 -34.97 -12.84 -25.21
N ASN B 70 -34.13 -12.19 -24.40
CA ASN B 70 -34.32 -10.84 -23.90
C ASN B 70 -34.14 -9.80 -25.00
N SER B 71 -33.72 -10.26 -26.19
CA SER B 71 -33.37 -9.41 -27.31
C SER B 71 -32.27 -8.43 -26.91
N THR B 72 -31.63 -8.61 -25.74
CA THR B 72 -30.37 -7.94 -25.47
C THR B 72 -29.30 -8.88 -26.01
N TYR B 73 -28.15 -8.29 -26.35
CA TYR B 73 -27.01 -9.04 -26.82
C TYR B 73 -26.07 -9.27 -25.63
N ARG B 74 -24.95 -9.92 -25.93
CA ARG B 74 -23.82 -10.06 -25.03
C ARG B 74 -22.57 -10.16 -25.91
N VAL B 75 -21.67 -9.19 -25.79
CA VAL B 75 -20.50 -9.16 -26.66
C VAL B 75 -19.24 -9.35 -25.81
N VAL B 76 -18.27 -10.06 -26.40
CA VAL B 76 -17.12 -10.57 -25.67
C VAL B 76 -15.86 -10.29 -26.48
N SER B 77 -14.94 -9.55 -25.87
CA SER B 77 -13.62 -9.33 -26.42
C SER B 77 -12.65 -10.30 -25.73
N VAL B 78 -11.61 -10.71 -26.47
CA VAL B 78 -10.64 -11.69 -25.99
C VAL B 78 -9.23 -11.19 -26.31
N LEU B 79 -8.52 -10.79 -25.26
CA LEU B 79 -7.16 -10.33 -25.43
C LEU B 79 -6.23 -11.45 -25.01
N THR B 80 -5.62 -12.13 -25.98
CA THR B 80 -4.57 -13.09 -25.67
C THR B 80 -3.38 -12.31 -25.13
N VAL B 81 -2.77 -12.87 -24.06
CA VAL B 81 -1.70 -12.19 -23.35
C VAL B 81 -0.45 -13.08 -23.35
N LEU B 82 0.67 -12.52 -22.91
CA LEU B 82 1.86 -13.30 -22.66
C LEU B 82 1.89 -13.77 -21.21
N HIS B 83 2.23 -15.04 -21.04
CA HIS B 83 2.46 -15.65 -19.73
C HIS B 83 3.23 -14.68 -18.85
N GLN B 84 4.42 -14.28 -19.29
CA GLN B 84 5.34 -13.51 -18.48
C GLN B 84 4.80 -12.10 -18.23
N ASP B 85 4.01 -11.54 -19.16
CA ASP B 85 3.40 -10.23 -18.90
C ASP B 85 2.49 -10.33 -17.68
N TRP B 86 1.51 -11.23 -17.75
CA TRP B 86 0.59 -11.44 -16.65
C TRP B 86 1.33 -11.68 -15.34
N LEU B 87 2.29 -12.61 -15.37
CA LEU B 87 2.99 -13.11 -14.20
C LEU B 87 3.90 -12.03 -13.61
N ASN B 88 4.40 -11.11 -14.44
CA ASN B 88 5.22 -10.02 -13.95
C ASN B 88 4.31 -8.87 -13.47
N GLY B 89 3.00 -9.07 -13.62
CA GLY B 89 2.00 -8.27 -12.94
C GLY B 89 1.62 -7.03 -13.75
N LYS B 90 1.62 -7.17 -15.06
CA LYS B 90 1.13 -6.10 -15.91
C LYS B 90 -0.38 -5.99 -15.76
N GLU B 91 -0.89 -4.83 -16.18
CA GLU B 91 -2.27 -4.40 -15.97
C GLU B 91 -3.01 -4.31 -17.31
N TYR B 92 -4.22 -4.87 -17.35
CA TYR B 92 -4.99 -4.99 -18.56
C TYR B 92 -6.28 -4.18 -18.37
N LYS B 93 -6.39 -3.09 -19.14
CA LYS B 93 -7.56 -2.24 -19.12
C LYS B 93 -8.41 -2.53 -20.35
N CYS B 94 -9.74 -2.45 -20.20
CA CYS B 94 -10.63 -2.45 -21.34
C CYS B 94 -11.53 -1.21 -21.26
N LYS B 95 -11.45 -0.36 -22.29
CA LYS B 95 -12.37 0.75 -22.46
C LYS B 95 -13.54 0.27 -23.31
N VAL B 96 -14.71 0.17 -22.67
CA VAL B 96 -15.93 -0.18 -23.37
C VAL B 96 -16.69 1.11 -23.67
N SER B 97 -17.13 1.25 -24.92
CA SER B 97 -17.74 2.47 -25.39
C SER B 97 -19.12 2.19 -26.01
N ASN B 98 -20.11 2.53 -25.18
CA ASN B 98 -21.53 2.31 -25.37
C ASN B 98 -22.15 3.57 -25.97
N LYS B 99 -23.03 3.43 -26.95
CA LYS B 99 -23.81 4.56 -27.42
C LYS B 99 -24.85 4.88 -26.36
N ALA B 100 -25.52 3.83 -25.85
CA ALA B 100 -26.66 3.98 -24.95
C ALA B 100 -26.28 4.82 -23.73
N LEU B 101 -25.20 4.43 -23.04
CA LEU B 101 -24.75 5.22 -21.89
C LEU B 101 -23.89 6.35 -22.44
N PRO B 102 -24.11 7.62 -22.02
CA PRO B 102 -23.20 8.70 -22.39
C PRO B 102 -21.83 8.68 -21.69
N ALA B 103 -21.45 7.58 -21.03
CA ALA B 103 -20.15 7.49 -20.37
C ALA B 103 -19.44 6.15 -20.60
N PRO B 104 -18.37 6.08 -21.44
CA PRO B 104 -17.59 4.85 -21.60
C PRO B 104 -17.18 4.18 -20.28
N ILE B 105 -16.95 2.86 -20.32
CA ILE B 105 -16.63 2.07 -19.14
C ILE B 105 -15.14 1.74 -19.17
N GLU B 106 -14.45 1.93 -18.04
CA GLU B 106 -13.04 1.57 -17.91
C GLU B 106 -12.89 0.58 -16.75
N LYS B 107 -12.48 -0.67 -17.08
CA LYS B 107 -12.16 -1.70 -16.11
C LYS B 107 -10.71 -2.17 -16.30
N THR B 108 -10.04 -2.45 -15.19
CA THR B 108 -8.65 -2.89 -15.19
C THR B 108 -8.54 -4.16 -14.35
N ILE B 109 -7.73 -5.12 -14.86
CA ILE B 109 -7.48 -6.37 -14.15
C ILE B 109 -6.00 -6.71 -14.20
N SER B 110 -5.51 -7.44 -13.16
CA SER B 110 -4.09 -7.79 -13.05
C SER B 110 -3.86 -8.83 -11.95
N LYS B 111 -2.79 -9.61 -12.08
CA LYS B 111 -2.37 -10.53 -11.02
C LYS B 111 -2.17 -9.82 -9.69
N ALA B 112 -2.35 -10.53 -8.60
CA ALA B 112 -2.23 -9.99 -7.25
C ALA B 112 -0.79 -9.69 -6.88
N LYS B 113 -0.55 -8.47 -6.41
CA LYS B 113 0.78 -8.03 -6.00
C LYS B 113 1.22 -8.75 -4.73
N GLY B 114 2.50 -9.10 -4.67
CA GLY B 114 3.12 -9.61 -3.46
C GLY B 114 4.11 -10.73 -3.79
N GLN B 115 5.10 -10.90 -2.90
CA GLN B 115 6.11 -11.92 -3.04
C GLN B 115 5.40 -13.26 -3.21
N PRO B 116 5.64 -14.00 -4.32
CA PRO B 116 5.10 -15.35 -4.48
C PRO B 116 5.55 -16.33 -3.41
N ARG B 117 4.68 -17.30 -3.09
CA ARG B 117 4.94 -18.24 -2.01
C ARG B 117 4.50 -19.65 -2.40
N GLU B 118 5.34 -20.63 -2.06
CA GLU B 118 5.20 -21.98 -2.56
C GLU B 118 4.13 -22.76 -1.80
N PRO B 119 3.16 -23.41 -2.50
CA PRO B 119 2.16 -24.25 -1.86
C PRO B 119 2.74 -25.50 -1.20
N GLN B 120 2.19 -25.85 -0.02
CA GLN B 120 2.47 -27.12 0.61
C GLN B 120 1.26 -28.04 0.37
N VAL B 121 1.51 -29.19 -0.27
CA VAL B 121 0.47 -30.09 -0.72
C VAL B 121 0.49 -31.34 0.15
N TYR B 122 -0.58 -31.54 0.93
CA TYR B 122 -0.71 -32.70 1.79
C TYR B 122 -2.04 -33.39 1.51
N THR B 123 -1.99 -34.71 1.31
CA THR B 123 -3.21 -35.48 1.12
C THR B 123 -3.59 -36.09 2.47
N LEU B 124 -4.91 -36.14 2.71
CA LEU B 124 -5.48 -36.68 3.92
C LEU B 124 -6.43 -37.83 3.55
N PRO B 125 -6.31 -39.01 4.20
CA PRO B 125 -7.27 -40.09 3.98
C PRO B 125 -8.63 -39.89 4.62
N PRO B 126 -9.65 -40.70 4.23
CA PRO B 126 -10.99 -40.60 4.81
C PRO B 126 -10.97 -40.75 6.33
N SER B 127 -11.94 -40.09 7.00
CA SER B 127 -12.19 -40.33 8.40
C SER B 127 -12.62 -41.79 8.60
N ARG B 128 -12.26 -42.38 9.75
CA ARG B 128 -12.69 -43.73 10.07
C ARG B 128 -14.22 -43.80 10.05
N ASP B 129 -14.87 -42.76 10.59
CA ASP B 129 -16.32 -42.74 10.67
C ASP B 129 -16.94 -42.77 9.27
N GLU B 130 -16.25 -42.23 8.27
CA GLU B 130 -16.81 -42.11 6.93
C GLU B 130 -16.91 -43.48 6.26
N LEU B 131 -16.17 -44.47 6.79
CA LEU B 131 -16.04 -45.79 6.16
C LEU B 131 -17.35 -46.56 6.22
N THR B 132 -18.29 -46.10 7.06
CA THR B 132 -19.59 -46.74 7.11
C THR B 132 -20.41 -46.40 5.85
N LYS B 133 -19.92 -45.49 4.99
CA LYS B 133 -20.66 -45.08 3.82
C LYS B 133 -20.24 -45.89 2.59
N ASN B 134 -20.94 -45.65 1.47
CA ASN B 134 -20.64 -46.31 0.21
C ASN B 134 -19.56 -45.56 -0.52
N GLN B 135 -19.67 -44.23 -0.55
CA GLN B 135 -18.63 -43.39 -1.12
C GLN B 135 -17.82 -42.74 0.00
N VAL B 136 -16.53 -42.55 -0.23
CA VAL B 136 -15.63 -41.98 0.76
C VAL B 136 -14.91 -40.77 0.17
N SER B 137 -14.36 -39.91 1.03
CA SER B 137 -13.85 -38.60 0.64
C SER B 137 -12.32 -38.57 0.80
N LEU B 138 -11.63 -38.59 -0.35
CA LEU B 138 -10.19 -38.37 -0.38
C LEU B 138 -9.95 -36.87 -0.43
N THR B 139 -9.11 -36.38 0.49
CA THR B 139 -8.96 -34.95 0.73
C THR B 139 -7.55 -34.52 0.36
N CYS B 140 -7.39 -33.30 -0.18
CA CYS B 140 -6.08 -32.69 -0.38
C CYS B 140 -6.09 -31.24 0.12
N LEU B 141 -5.13 -30.98 1.02
CA LEU B 141 -4.92 -29.65 1.59
C LEU B 141 -3.79 -28.97 0.83
N VAL B 142 -4.04 -27.75 0.32
CA VAL B 142 -3.00 -26.92 -0.26
C VAL B 142 -2.92 -25.64 0.55
N LYS B 143 -1.72 -25.34 1.07
CA LYS B 143 -1.57 -24.37 2.16
C LYS B 143 -0.37 -23.45 1.90
N GLY B 144 -0.49 -22.20 2.35
CA GLY B 144 0.66 -21.30 2.44
C GLY B 144 1.16 -20.79 1.09
N PHE B 145 0.26 -20.60 0.12
CA PHE B 145 0.66 -20.22 -1.23
C PHE B 145 0.17 -18.82 -1.59
N TYR B 146 0.92 -18.17 -2.48
CA TYR B 146 0.62 -16.82 -2.92
C TYR B 146 1.16 -16.63 -4.33
N PRO B 147 0.43 -15.95 -5.24
CA PRO B 147 -0.95 -15.54 -5.03
C PRO B 147 -1.90 -16.72 -5.16
N SER B 148 -3.20 -16.42 -5.11
CA SER B 148 -4.24 -17.42 -4.96
C SER B 148 -4.46 -18.20 -6.24
N ASP B 149 -4.12 -17.60 -7.40
CA ASP B 149 -4.30 -18.26 -8.68
C ASP B 149 -3.62 -19.63 -8.63
N ILE B 150 -4.41 -20.69 -8.86
CA ILE B 150 -3.90 -22.06 -8.74
C ILE B 150 -4.81 -23.00 -9.50
N ALA B 151 -4.25 -24.15 -9.92
CA ALA B 151 -4.99 -25.24 -10.55
C ALA B 151 -4.84 -26.51 -9.71
N VAL B 152 -5.88 -27.35 -9.68
CA VAL B 152 -5.86 -28.56 -8.85
C VAL B 152 -6.75 -29.63 -9.52
N GLU B 153 -6.15 -30.78 -9.82
CA GLU B 153 -6.84 -31.89 -10.46
C GLU B 153 -6.44 -33.20 -9.80
N TRP B 154 -7.26 -34.25 -10.06
CA TRP B 154 -7.03 -35.57 -9.49
C TRP B 154 -6.90 -36.61 -10.61
N GLU B 155 -6.23 -37.72 -10.30
CA GLU B 155 -6.09 -38.82 -11.24
C GLU B 155 -5.71 -40.11 -10.50
N SER B 156 -5.91 -41.22 -11.20
CA SER B 156 -5.50 -42.53 -10.73
C SER B 156 -5.16 -43.40 -11.93
N ASN B 157 -4.19 -44.29 -11.73
CA ASN B 157 -3.76 -45.23 -12.75
C ASN B 157 -3.65 -44.56 -14.12
N GLY B 158 -3.01 -43.38 -14.15
CA GLY B 158 -2.75 -42.66 -15.37
C GLY B 158 -4.02 -42.26 -16.11
N GLN B 159 -5.07 -41.93 -15.36
CA GLN B 159 -6.31 -41.49 -15.96
C GLN B 159 -6.96 -40.44 -15.06
N PRO B 160 -7.58 -39.39 -15.64
CA PRO B 160 -8.26 -38.36 -14.86
C PRO B 160 -9.41 -38.90 -14.00
N GLU B 161 -9.45 -38.51 -12.73
CA GLU B 161 -10.59 -38.72 -11.87
C GLU B 161 -11.34 -37.40 -11.74
N ASN B 162 -12.61 -37.34 -12.15
CA ASN B 162 -13.28 -36.07 -12.31
C ASN B 162 -14.34 -35.84 -11.26
N ASN B 163 -14.46 -36.75 -10.29
CA ASN B 163 -15.52 -36.63 -9.29
C ASN B 163 -14.95 -35.94 -8.05
N TYR B 164 -14.57 -34.69 -8.23
CA TYR B 164 -14.01 -33.90 -7.16
C TYR B 164 -14.56 -32.48 -7.30
N LYS B 165 -14.50 -31.76 -6.18
CA LYS B 165 -14.76 -30.34 -6.10
C LYS B 165 -13.66 -29.74 -5.24
N THR B 166 -13.27 -28.50 -5.57
CA THR B 166 -12.24 -27.81 -4.81
C THR B 166 -12.85 -26.56 -4.19
N THR B 167 -12.43 -26.22 -2.97
CA THR B 167 -12.98 -25.02 -2.35
C THR B 167 -12.33 -23.84 -3.04
N PRO B 168 -12.89 -22.63 -2.90
CA PRO B 168 -12.15 -21.41 -3.21
C PRO B 168 -10.97 -21.32 -2.27
N PRO B 169 -9.98 -20.50 -2.65
CA PRO B 169 -8.86 -20.20 -1.77
C PRO B 169 -9.41 -19.33 -0.66
N VAL B 170 -8.69 -19.40 0.45
CA VAL B 170 -9.08 -18.77 1.69
C VAL B 170 -7.85 -18.10 2.27
N LEU B 171 -8.03 -16.84 2.69
CA LEU B 171 -6.91 -16.07 3.17
C LEU B 171 -6.57 -16.55 4.58
N ASP B 172 -5.31 -16.92 4.74
CA ASP B 172 -4.87 -17.49 6.00
C ASP B 172 -4.36 -16.35 6.89
N SER B 173 -4.04 -16.71 8.13
CA SER B 173 -3.66 -15.76 9.16
C SER B 173 -2.30 -15.14 8.86
N ASP B 174 -1.49 -15.79 8.03
CA ASP B 174 -0.19 -15.26 7.67
C ASP B 174 -0.25 -14.52 6.33
N GLY B 175 -1.45 -14.38 5.74
CA GLY B 175 -1.61 -13.66 4.49
C GLY B 175 -1.30 -14.51 3.25
N SER B 176 -1.07 -15.82 3.44
CA SER B 176 -1.02 -16.76 2.33
C SER B 176 -2.44 -17.29 2.04
N PHE B 177 -2.56 -18.29 1.15
CA PHE B 177 -3.86 -18.89 0.86
C PHE B 177 -3.84 -20.39 1.16
N PHE B 178 -5.03 -20.94 1.42
CA PHE B 178 -5.18 -22.38 1.46
C PHE B 178 -6.50 -22.70 0.78
N LEU B 179 -6.59 -23.94 0.26
CA LEU B 179 -7.86 -24.52 -0.13
C LEU B 179 -7.83 -26.01 0.19
N TYR B 180 -8.99 -26.66 0.05
CA TYR B 180 -9.06 -28.11 0.10
C TYR B 180 -9.72 -28.59 -1.17
N SER B 181 -9.27 -29.77 -1.66
CA SER B 181 -9.96 -30.43 -2.75
C SER B 181 -10.42 -31.80 -2.27
N LYS B 182 -11.60 -32.21 -2.77
CA LYS B 182 -12.29 -33.42 -2.31
C LYS B 182 -12.71 -34.30 -3.48
N LEU B 183 -12.05 -35.46 -3.62
CA LEU B 183 -12.41 -36.49 -4.56
C LEU B 183 -13.21 -37.57 -3.84
N THR B 184 -14.34 -37.94 -4.45
CA THR B 184 -15.25 -38.91 -3.90
C THR B 184 -15.15 -40.20 -4.72
N VAL B 185 -15.05 -41.35 -4.04
CA VAL B 185 -14.77 -42.63 -4.68
C VAL B 185 -15.46 -43.74 -3.91
N ASP B 186 -16.00 -44.71 -4.65
CA ASP B 186 -16.69 -45.84 -4.05
C ASP B 186 -15.75 -46.53 -3.07
N LYS B 187 -16.28 -46.81 -1.86
CA LYS B 187 -15.48 -47.31 -0.76
C LYS B 187 -14.74 -48.58 -1.19
N SER B 188 -15.39 -49.39 -2.04
CA SER B 188 -14.76 -50.52 -2.72
C SER B 188 -13.34 -50.17 -3.17
N ARG B 189 -13.23 -49.13 -4.02
CA ARG B 189 -11.98 -48.75 -4.65
C ARG B 189 -10.96 -48.30 -3.62
N TRP B 190 -11.38 -47.52 -2.63
CA TRP B 190 -10.45 -47.06 -1.62
C TRP B 190 -9.89 -48.28 -0.89
N GLN B 191 -10.75 -49.28 -0.67
CA GLN B 191 -10.49 -50.39 0.23
C GLN B 191 -9.64 -51.48 -0.45
N GLN B 192 -9.83 -51.67 -1.76
CA GLN B 192 -8.99 -52.59 -2.49
C GLN B 192 -7.52 -52.22 -2.28
N GLY B 193 -7.21 -50.94 -2.52
CA GLY B 193 -5.88 -50.40 -2.22
C GLY B 193 -5.25 -49.66 -3.41
N ASN B 194 -6.10 -49.08 -4.27
CA ASN B 194 -5.64 -48.30 -5.41
C ASN B 194 -4.97 -47.02 -4.90
N VAL B 195 -4.26 -46.36 -5.82
CA VAL B 195 -3.55 -45.14 -5.50
C VAL B 195 -4.18 -43.99 -6.27
N PHE B 196 -4.39 -42.88 -5.56
CA PHE B 196 -4.92 -41.65 -6.15
C PHE B 196 -3.91 -40.53 -5.98
N SER B 197 -3.95 -39.57 -6.91
CA SER B 197 -2.99 -38.49 -6.94
C SER B 197 -3.67 -37.14 -7.17
N CYS B 198 -3.20 -36.14 -6.43
CA CYS B 198 -3.64 -34.75 -6.59
C CYS B 198 -2.52 -33.94 -7.23
N SER B 199 -2.78 -33.44 -8.45
CA SER B 199 -1.85 -32.57 -9.16
C SER B 199 -2.15 -31.12 -8.79
N VAL B 200 -1.11 -30.37 -8.42
CA VAL B 200 -1.24 -28.95 -8.11
C VAL B 200 -0.31 -28.19 -9.03
N MET B 201 -0.79 -27.10 -9.61
CA MET B 201 0.04 -26.26 -10.45
C MET B 201 -0.06 -24.82 -9.93
N HIS B 202 1.12 -24.22 -9.74
CA HIS B 202 1.29 -22.90 -9.15
C HIS B 202 2.59 -22.30 -9.66
N GLU B 203 2.67 -20.95 -9.70
CA GLU B 203 3.84 -20.27 -10.22
C GLU B 203 5.06 -20.52 -9.34
N ALA B 204 4.83 -20.79 -8.05
CA ALA B 204 5.90 -20.84 -7.08
C ALA B 204 6.46 -22.25 -6.95
N LEU B 205 5.91 -23.19 -7.73
CA LEU B 205 6.43 -24.55 -7.72
C LEU B 205 7.49 -24.70 -8.81
N HIS B 206 8.54 -25.46 -8.51
CA HIS B 206 9.47 -25.94 -9.51
C HIS B 206 8.63 -26.65 -10.56
N ASN B 207 8.85 -26.28 -11.84
CA ASN B 207 8.17 -26.87 -12.98
C ASN B 207 6.70 -26.49 -13.00
N HIS B 208 6.30 -25.52 -12.19
CA HIS B 208 4.92 -25.08 -12.10
C HIS B 208 3.99 -26.27 -11.82
N TYR B 209 4.47 -27.27 -11.06
CA TYR B 209 3.74 -28.53 -11.02
C TYR B 209 4.29 -29.43 -9.94
N THR B 210 3.38 -30.04 -9.18
CA THR B 210 3.75 -31.04 -8.17
C THR B 210 2.58 -32.00 -7.98
N GLN B 211 2.84 -33.13 -7.34
CA GLN B 211 1.84 -34.18 -7.26
C GLN B 211 2.09 -34.98 -5.98
N LYS B 212 0.99 -35.43 -5.37
CA LYS B 212 1.01 -36.12 -4.10
C LYS B 212 -0.03 -37.23 -4.15
N SER B 213 0.27 -38.36 -3.53
CA SER B 213 -0.48 -39.59 -3.74
C SER B 213 -1.04 -40.08 -2.41
N LEU B 214 -1.96 -41.03 -2.49
CA LEU B 214 -2.81 -41.38 -1.36
C LEU B 214 -3.39 -42.77 -1.62
N SER B 215 -3.26 -43.66 -0.62
CA SER B 215 -3.72 -45.03 -0.74
C SER B 215 -3.91 -45.64 0.64
N LEU B 216 -4.71 -46.71 0.69
CA LEU B 216 -5.22 -47.28 1.93
C LEU B 216 -4.10 -47.78 2.85
N SER B 217 -2.91 -48.09 2.32
CA SER B 217 -1.80 -48.44 3.19
C SER B 217 -1.30 -47.20 3.93
N ASP C 1 -33.41 -46.04 25.91
CA ASP C 1 -33.81 -45.02 26.92
C ASP C 1 -34.87 -44.09 26.33
N ALA C 2 -35.64 -44.59 25.36
CA ALA C 2 -36.56 -43.76 24.59
C ALA C 2 -37.43 -42.93 25.54
N GLU C 3 -37.21 -41.62 25.58
CA GLU C 3 -37.59 -40.78 26.72
C GLU C 3 -39.02 -40.29 26.54
N PHE C 4 -39.24 -39.50 25.48
CA PHE C 4 -40.57 -39.05 25.10
C PHE C 4 -41.37 -38.61 26.33
N VAL C 5 -40.96 -37.49 26.90
CA VAL C 5 -41.73 -36.77 27.92
C VAL C 5 -42.35 -35.57 27.20
N LYS C 6 -43.50 -35.09 27.69
CA LYS C 6 -44.18 -34.00 27.04
C LYS C 6 -44.01 -32.72 27.84
N VAL C 7 -44.02 -31.61 27.11
CA VAL C 7 -43.99 -30.30 27.71
C VAL C 7 -45.30 -29.63 27.34
N LYS C 8 -46.07 -29.21 28.35
CA LYS C 8 -47.31 -28.52 28.12
C LYS C 8 -47.04 -27.02 28.20
N PHE C 9 -47.65 -26.25 27.30
CA PHE C 9 -47.46 -24.81 27.31
C PHE C 9 -48.66 -24.13 26.66
N LEU C 10 -48.65 -22.80 26.70
CA LEU C 10 -49.75 -21.98 26.24
C LEU C 10 -49.33 -21.24 24.98
N LEU C 11 -50.13 -21.36 23.93
CA LEU C 11 -49.87 -20.66 22.69
C LEU C 11 -51.15 -19.94 22.27
N ASN C 12 -51.07 -18.61 22.14
CA ASN C 12 -52.22 -17.79 21.86
C ASN C 12 -53.38 -18.22 22.76
N GLY C 13 -53.09 -18.43 24.05
CA GLY C 13 -54.11 -18.83 25.01
C GLY C 13 -54.46 -20.31 24.91
N GLU C 14 -54.24 -20.93 23.75
CA GLU C 14 -54.54 -22.34 23.54
C GLU C 14 -53.45 -23.17 24.22
N GLU C 15 -53.83 -24.24 24.91
CA GLU C 15 -52.90 -25.07 25.64
C GLU C 15 -52.33 -26.14 24.71
N LYS C 16 -51.18 -25.84 24.10
CA LYS C 16 -50.45 -26.79 23.26
C LYS C 16 -49.61 -27.72 24.15
N GLU C 17 -49.04 -28.74 23.51
CA GLU C 17 -48.21 -29.73 24.17
C GLU C 17 -47.29 -30.33 23.08
N VAL C 18 -45.98 -30.40 23.35
CA VAL C 18 -45.02 -30.94 22.39
C VAL C 18 -44.09 -31.95 23.07
N ASP C 19 -43.63 -32.93 22.30
CA ASP C 19 -42.73 -33.94 22.81
C ASP C 19 -41.36 -33.32 23.10
N THR C 20 -40.61 -33.86 24.06
CA THR C 20 -39.27 -33.39 24.39
C THR C 20 -38.33 -33.57 23.20
N SER C 21 -38.49 -34.72 22.52
CA SER C 21 -37.61 -35.13 21.43
C SER C 21 -37.72 -34.21 20.22
N LYS C 22 -38.73 -33.35 20.17
CA LYS C 22 -38.89 -32.41 19.07
C LYS C 22 -38.29 -31.05 19.43
N ILE C 23 -37.64 -30.94 20.60
CA ILE C 23 -37.09 -29.67 21.04
C ILE C 23 -35.63 -29.60 20.63
N ARG C 24 -35.27 -28.51 19.94
CA ARG C 24 -33.95 -28.34 19.35
C ARG C 24 -33.05 -27.50 20.23
N ASP C 25 -33.62 -26.51 20.94
CA ASP C 25 -32.82 -25.62 21.77
C ASP C 25 -33.66 -25.15 22.94
N VAL C 26 -33.01 -24.98 24.10
CA VAL C 26 -33.66 -24.44 25.28
C VAL C 26 -32.81 -23.30 25.83
N ALA C 27 -33.47 -22.37 26.52
CA ALA C 27 -32.81 -21.22 27.09
C ALA C 27 -33.63 -20.72 28.26
N ARG C 28 -32.96 -20.09 29.22
CA ARG C 28 -33.60 -19.63 30.44
C ARG C 28 -33.62 -18.11 30.44
N GLN C 29 -34.76 -17.56 30.88
CA GLN C 29 -34.94 -16.13 31.11
C GLN C 29 -35.58 -15.96 32.49
N GLY C 30 -34.75 -15.97 33.54
CA GLY C 30 -35.22 -15.98 34.91
C GLY C 30 -35.83 -17.34 35.29
N LYS C 31 -37.11 -17.32 35.69
CA LYS C 31 -37.83 -18.54 36.03
C LYS C 31 -38.64 -18.97 34.82
N ASN C 32 -38.34 -18.37 33.67
CA ASN C 32 -39.02 -18.63 32.41
C ASN C 32 -38.07 -19.37 31.48
N VAL C 33 -38.49 -20.56 31.02
CA VAL C 33 -37.69 -21.33 30.08
C VAL C 33 -38.35 -21.23 28.71
N LYS C 34 -37.64 -20.62 27.75
CA LYS C 34 -38.02 -20.63 26.35
C LYS C 34 -37.47 -21.89 25.69
N PHE C 35 -38.08 -22.30 24.58
CA PHE C 35 -37.62 -23.46 23.83
C PHE C 35 -38.11 -23.41 22.38
N LEU C 36 -37.17 -23.65 21.45
CA LEU C 36 -37.46 -23.84 20.04
C LEU C 36 -37.64 -25.32 19.74
N TYR C 37 -38.69 -25.66 18.96
CA TYR C 37 -39.04 -27.05 18.71
C TYR C 37 -39.41 -27.25 17.24
N ASN C 38 -39.43 -28.51 16.82
CA ASN C 38 -39.67 -28.87 15.44
C ASN C 38 -40.69 -30.00 15.36
N ASP C 39 -41.96 -29.61 15.22
CA ASP C 39 -43.10 -30.49 15.38
C ASP C 39 -43.51 -31.05 14.02
N ASN C 40 -43.12 -32.29 13.76
CA ASN C 40 -43.46 -33.03 12.54
C ASN C 40 -42.64 -32.50 11.36
N GLY C 41 -42.22 -31.23 11.38
CA GLY C 41 -41.62 -30.60 10.22
C GLY C 41 -41.74 -29.07 10.24
N LYS C 42 -42.62 -28.52 11.09
CA LYS C 42 -42.74 -27.08 11.23
C LYS C 42 -42.13 -26.63 12.56
N TYR C 43 -41.53 -25.44 12.54
CA TYR C 43 -40.80 -24.93 13.69
C TYR C 43 -41.73 -24.03 14.50
N GLY C 44 -41.65 -24.16 15.84
CA GLY C 44 -42.37 -23.27 16.73
C GLY C 44 -41.60 -22.98 18.01
N ALA C 45 -42.02 -21.92 18.71
CA ALA C 45 -41.46 -21.54 19.99
C ALA C 45 -42.52 -21.58 21.10
N GLY C 46 -42.05 -21.63 22.35
CA GLY C 46 -42.92 -21.87 23.50
C GLY C 46 -42.24 -21.42 24.79
N ASN C 47 -43.05 -20.88 25.73
CA ASN C 47 -42.61 -20.53 27.07
C ASN C 47 -43.20 -21.48 28.10
N VAL C 48 -42.57 -21.50 29.27
CA VAL C 48 -43.11 -22.22 30.41
C VAL C 48 -42.43 -21.62 31.64
N ASP C 49 -43.18 -21.46 32.74
CA ASP C 49 -42.54 -21.15 34.00
C ASP C 49 -41.75 -22.39 34.42
N GLU C 50 -40.62 -22.15 35.09
CA GLU C 50 -39.75 -23.23 35.53
C GLU C 50 -40.50 -24.23 36.41
N LYS C 51 -41.45 -23.74 37.21
CA LYS C 51 -42.21 -24.63 38.09
C LYS C 51 -42.99 -25.64 37.24
N ASP C 52 -43.46 -25.19 36.06
CA ASP C 52 -44.30 -26.00 35.20
C ASP C 52 -43.48 -26.76 34.16
N ALA C 53 -42.15 -26.78 34.32
CA ALA C 53 -41.25 -27.43 33.38
C ALA C 53 -40.92 -28.83 33.89
N PRO C 54 -41.00 -29.87 33.04
CA PRO C 54 -40.46 -31.18 33.41
C PRO C 54 -38.94 -31.10 33.60
N LYS C 55 -38.41 -31.97 34.46
CA LYS C 55 -37.01 -31.85 34.84
C LYS C 55 -36.13 -32.19 33.66
N GLU C 56 -36.65 -32.99 32.71
CA GLU C 56 -35.92 -33.37 31.51
C GLU C 56 -35.66 -32.12 30.66
N LEU C 57 -36.63 -31.21 30.61
CA LEU C 57 -36.44 -29.97 29.88
C LEU C 57 -35.36 -29.11 30.54
N LEU C 58 -35.26 -29.17 31.86
CA LEU C 58 -34.27 -28.38 32.59
C LEU C 58 -32.89 -29.03 32.46
N ASP C 59 -32.87 -30.36 32.40
CA ASP C 59 -31.68 -31.12 32.04
C ASP C 59 -31.19 -30.71 30.65
N MET C 60 -32.11 -30.67 29.68
CA MET C 60 -31.77 -30.23 28.34
C MET C 60 -31.16 -28.83 28.38
N LEU C 61 -31.78 -27.92 29.14
CA LEU C 61 -31.34 -26.53 29.23
C LEU C 61 -29.90 -26.45 29.73
N ALA C 62 -29.59 -27.16 30.82
CA ALA C 62 -28.24 -27.19 31.36
C ALA C 62 -27.23 -27.69 30.32
N ARG C 63 -27.53 -28.86 29.74
CA ARG C 63 -26.71 -29.43 28.69
C ARG C 63 -26.43 -28.40 27.59
N ALA C 64 -27.45 -27.60 27.22
CA ALA C 64 -27.31 -26.65 26.12
C ALA C 64 -26.46 -25.45 26.54
N GLU C 65 -26.59 -25.02 27.80
CA GLU C 65 -25.81 -23.87 28.28
C GLU C 65 -24.33 -24.22 28.18
N ARG C 66 -24.02 -25.49 28.52
CA ARG C 66 -22.69 -26.04 28.38
C ARG C 66 -22.27 -26.12 26.90
N GLU C 67 -23.08 -26.80 26.09
CA GLU C 67 -22.68 -27.12 24.72
C GLU C 67 -22.67 -25.88 23.82
N LYS C 68 -23.77 -25.13 23.74
CA LYS C 68 -23.96 -24.17 22.65
C LYS C 68 -23.12 -22.92 22.87
N LYS C 69 -23.44 -22.13 23.91
CA LYS C 69 -22.65 -20.95 24.26
C LYS C 69 -22.59 -19.94 23.08
N ASP D 1 25.84 -30.52 -6.74
CA ASP D 1 27.08 -31.34 -6.59
C ASP D 1 27.66 -31.67 -7.96
N ALA D 2 27.30 -30.91 -8.99
CA ALA D 2 27.47 -31.33 -10.37
C ALA D 2 27.31 -30.14 -11.34
N GLU D 3 26.88 -30.48 -12.55
CA GLU D 3 26.99 -29.60 -13.69
C GLU D 3 25.69 -28.81 -13.84
N PHE D 4 25.74 -27.82 -14.73
CA PHE D 4 24.60 -27.01 -15.08
C PHE D 4 24.73 -26.74 -16.57
N VAL D 5 23.69 -26.19 -17.18
CA VAL D 5 23.65 -26.05 -18.64
C VAL D 5 22.88 -24.79 -18.98
N LYS D 6 23.44 -24.00 -19.89
CA LYS D 6 22.81 -22.76 -20.26
C LYS D 6 22.20 -22.90 -21.64
N VAL D 7 21.11 -22.19 -21.84
CA VAL D 7 20.40 -22.19 -23.10
C VAL D 7 20.51 -20.77 -23.64
N LYS D 8 21.03 -20.66 -24.85
CA LYS D 8 21.23 -19.38 -25.49
C LYS D 8 20.01 -19.10 -26.38
N PHE D 9 19.53 -17.86 -26.38
CA PHE D 9 18.41 -17.50 -27.23
C PHE D 9 18.43 -16.00 -27.52
N LEU D 10 17.51 -15.59 -28.39
CA LEU D 10 17.45 -14.23 -28.89
C LEU D 10 16.23 -13.54 -28.31
N LEU D 11 16.44 -12.36 -27.74
CA LEU D 11 15.35 -11.56 -27.21
C LEU D 11 15.50 -10.14 -27.75
N ASN D 12 14.48 -9.68 -28.50
CA ASN D 12 14.53 -8.39 -29.16
C ASN D 12 15.89 -8.21 -29.84
N GLY D 13 16.36 -9.26 -30.53
CA GLY D 13 17.62 -9.22 -31.25
C GLY D 13 18.83 -9.33 -30.33
N GLU D 14 18.66 -9.07 -29.03
CA GLU D 14 19.73 -9.22 -28.07
C GLU D 14 19.87 -10.71 -27.74
N GLU D 15 21.10 -11.21 -27.65
CA GLU D 15 21.35 -12.61 -27.37
C GLU D 15 21.36 -12.84 -25.86
N LYS D 16 20.21 -13.22 -25.28
CA LYS D 16 20.12 -13.61 -23.88
C LYS D 16 20.56 -15.07 -23.70
N GLU D 17 20.68 -15.47 -22.42
CA GLU D 17 21.08 -16.81 -22.03
C GLU D 17 20.52 -17.09 -20.62
N VAL D 18 19.90 -18.27 -20.43
CA VAL D 18 19.29 -18.61 -19.14
C VAL D 18 19.65 -20.04 -18.73
N ASP D 19 19.79 -20.27 -17.41
CA ASP D 19 20.11 -21.59 -16.88
C ASP D 19 18.87 -22.46 -17.03
N THR D 20 19.04 -23.78 -17.15
CA THR D 20 17.93 -24.73 -17.23
C THR D 20 17.11 -24.72 -15.94
N SER D 21 17.79 -24.59 -14.80
CA SER D 21 17.17 -24.65 -13.48
C SER D 21 16.19 -23.50 -13.23
N LYS D 22 16.21 -22.46 -14.07
CA LYS D 22 15.27 -21.36 -13.94
C LYS D 22 14.06 -21.56 -14.85
N ILE D 23 13.99 -22.71 -15.54
CA ILE D 23 12.94 -22.95 -16.53
C ILE D 23 11.80 -23.72 -15.85
N ARG D 24 10.59 -23.17 -15.97
CA ARG D 24 9.41 -23.66 -15.29
C ARG D 24 8.57 -24.53 -16.22
N ASP D 25 8.53 -24.24 -17.52
CA ASP D 25 7.77 -25.04 -18.48
C ASP D 25 8.44 -25.00 -19.84
N VAL D 26 8.39 -26.12 -20.58
CA VAL D 26 8.86 -26.20 -21.96
C VAL D 26 7.77 -26.80 -22.81
N ALA D 27 7.79 -26.44 -24.10
CA ALA D 27 6.78 -26.91 -25.04
C ALA D 27 7.33 -26.82 -26.44
N ARG D 28 6.84 -27.69 -27.33
CA ARG D 28 7.31 -27.71 -28.70
C ARG D 28 6.22 -27.20 -29.63
N GLN D 29 6.63 -26.36 -30.59
CA GLN D 29 5.78 -25.92 -31.68
C GLN D 29 6.55 -26.14 -32.99
N GLY D 30 6.39 -27.35 -33.56
CA GLY D 30 7.09 -27.71 -34.79
C GLY D 30 8.57 -27.99 -34.53
N LYS D 31 9.45 -27.21 -35.17
CA LYS D 31 10.89 -27.34 -34.98
C LYS D 31 11.35 -26.38 -33.88
N ASN D 32 10.36 -25.74 -33.23
CA ASN D 32 10.58 -24.60 -32.37
C ASN D 32 10.20 -25.00 -30.94
N VAL D 33 11.15 -24.89 -30.01
CA VAL D 33 10.89 -25.19 -28.61
C VAL D 33 10.80 -23.86 -27.85
N LYS D 34 9.61 -23.58 -27.31
CA LYS D 34 9.39 -22.45 -26.42
C LYS D 34 9.67 -22.89 -24.99
N PHE D 35 9.94 -21.91 -24.11
CA PHE D 35 10.16 -22.18 -22.70
C PHE D 35 9.94 -20.92 -21.86
N LEU D 36 9.14 -21.08 -20.79
CA LEU D 36 8.92 -20.07 -19.78
C LEU D 36 9.92 -20.27 -18.64
N TYR D 37 10.53 -19.17 -18.18
CA TYR D 37 11.60 -19.23 -17.19
C TYR D 37 11.43 -18.12 -16.15
N ASN D 38 12.13 -18.28 -15.02
CA ASN D 38 11.99 -17.39 -13.89
C ASN D 38 13.37 -17.01 -13.37
N ASP D 39 13.86 -15.85 -13.87
CA ASP D 39 15.23 -15.41 -13.66
C ASP D 39 15.28 -14.50 -12.44
N ASN D 40 15.67 -15.07 -11.31
CA ASN D 40 15.88 -14.37 -10.05
C ASN D 40 14.65 -13.61 -9.55
N GLY D 41 13.50 -13.79 -10.21
CA GLY D 41 12.25 -13.22 -9.73
C GLY D 41 11.39 -12.61 -10.83
N LYS D 42 11.97 -12.37 -12.01
CA LYS D 42 11.17 -11.93 -13.15
C LYS D 42 10.98 -13.09 -14.12
N TYR D 43 9.77 -13.15 -14.69
CA TYR D 43 9.40 -14.19 -15.61
C TYR D 43 9.69 -13.72 -17.03
N GLY D 44 10.24 -14.64 -17.85
CA GLY D 44 10.44 -14.36 -19.27
C GLY D 44 10.22 -15.61 -20.11
N ALA D 45 10.02 -15.38 -21.42
CA ALA D 45 9.87 -16.46 -22.39
C ALA D 45 10.97 -16.37 -23.44
N GLY D 46 11.18 -17.49 -24.14
CA GLY D 46 12.30 -17.66 -25.05
C GLY D 46 12.06 -18.78 -26.04
N ASN D 47 12.54 -18.59 -27.28
CA ASN D 47 12.45 -19.58 -28.34
C ASN D 47 13.83 -20.13 -28.66
N VAL D 48 13.83 -21.28 -29.34
CA VAL D 48 15.04 -21.85 -29.86
C VAL D 48 14.60 -22.83 -30.94
N ASP D 49 15.35 -22.91 -32.04
CA ASP D 49 15.13 -23.98 -32.99
C ASP D 49 15.59 -25.26 -32.30
N GLU D 50 14.91 -26.36 -32.61
CA GLU D 50 15.23 -27.65 -32.01
C GLU D 50 16.70 -28.02 -32.23
N LYS D 51 17.25 -27.64 -33.39
CA LYS D 51 18.63 -27.95 -33.70
C LYS D 51 19.55 -27.29 -32.66
N ASP D 52 19.16 -26.10 -32.21
CA ASP D 52 19.96 -25.28 -31.32
C ASP D 52 19.61 -25.54 -29.85
N ALA D 53 18.81 -26.59 -29.57
CA ALA D 53 18.35 -26.89 -28.23
C ALA D 53 19.26 -27.93 -27.58
N PRO D 54 19.78 -27.67 -26.35
CA PRO D 54 20.62 -28.64 -25.67
C PRO D 54 19.79 -29.87 -25.31
N LYS D 55 20.46 -31.01 -25.21
CA LYS D 55 19.88 -32.26 -24.76
C LYS D 55 19.01 -32.08 -23.51
N GLU D 56 19.50 -31.28 -22.54
CA GLU D 56 18.85 -31.16 -21.25
C GLU D 56 17.51 -30.45 -21.43
N LEU D 57 17.46 -29.45 -22.33
CA LEU D 57 16.21 -28.76 -22.60
C LEU D 57 15.19 -29.71 -23.24
N LEU D 58 15.68 -30.64 -24.05
CA LEU D 58 14.80 -31.56 -24.77
C LEU D 58 14.36 -32.66 -23.81
N ASP D 59 15.25 -33.04 -22.89
CA ASP D 59 14.90 -33.91 -21.78
C ASP D 59 13.79 -33.27 -20.94
N MET D 60 13.95 -31.99 -20.59
CA MET D 60 12.93 -31.27 -19.85
C MET D 60 11.60 -31.34 -20.58
N LEU D 61 11.63 -31.05 -21.89
CA LEU D 61 10.44 -30.99 -22.72
C LEU D 61 9.70 -32.32 -22.68
N ALA D 62 10.41 -33.43 -22.91
CA ALA D 62 9.83 -34.76 -22.88
C ALA D 62 9.21 -35.04 -21.51
N ARG D 63 9.98 -34.83 -20.44
CA ARG D 63 9.49 -35.02 -19.09
C ARG D 63 8.18 -34.26 -18.89
N ALA D 64 8.08 -33.05 -19.42
CA ALA D 64 6.90 -32.21 -19.23
C ALA D 64 5.72 -32.75 -20.04
N GLU D 65 5.97 -33.25 -21.24
CA GLU D 65 4.89 -33.74 -22.09
C GLU D 65 4.24 -34.93 -21.40
N ARG D 66 5.09 -35.76 -20.74
CA ARG D 66 4.65 -36.85 -19.91
C ARG D 66 3.87 -36.33 -18.71
N GLU D 67 4.48 -35.47 -17.90
CA GLU D 67 3.93 -35.13 -16.60
C GLU D 67 2.71 -34.22 -16.73
N LYS D 68 2.87 -33.07 -17.39
CA LYS D 68 1.90 -31.98 -17.26
C LYS D 68 0.62 -32.30 -18.04
N LYS D 69 0.70 -32.38 -19.37
CA LYS D 69 -0.45 -32.71 -20.22
C LYS D 69 -1.58 -31.68 -20.02
N GLY E 9 22.87 33.09 27.64
CA GLY E 9 21.93 32.16 28.31
C GLY E 9 22.67 31.05 29.06
N GLY E 10 22.83 29.90 28.39
CA GLY E 10 23.45 28.72 28.99
C GLY E 10 23.21 27.44 28.18
N PRO E 11 22.27 26.56 28.59
CA PRO E 11 21.97 25.33 27.86
C PRO E 11 21.27 25.63 26.52
N SER E 12 20.68 24.59 25.92
CA SER E 12 19.93 24.73 24.67
C SER E 12 18.98 23.54 24.53
N VAL E 13 17.83 23.77 23.87
CA VAL E 13 16.72 22.83 23.90
C VAL E 13 16.20 22.56 22.49
N PHE E 14 15.91 21.27 22.21
CA PHE E 14 15.30 20.85 20.95
C PHE E 14 14.16 19.87 21.24
N LEU E 15 13.18 19.87 20.33
CA LEU E 15 11.96 19.10 20.47
C LEU E 15 11.61 18.50 19.11
N PHE E 16 11.59 17.16 19.04
CA PHE E 16 11.44 16.48 17.77
C PHE E 16 10.12 15.75 17.71
N PRO E 17 9.44 15.76 16.53
CA PRO E 17 8.16 15.08 16.36
C PRO E 17 8.38 13.58 16.17
N PRO E 18 7.32 12.77 16.23
CA PRO E 18 7.46 11.32 16.07
C PRO E 18 7.81 10.99 14.63
N LYS E 19 8.36 9.78 14.41
CA LYS E 19 8.69 9.33 13.06
C LYS E 19 7.40 9.09 12.28
N PRO E 20 7.33 9.51 11.00
CA PRO E 20 6.06 9.47 10.26
C PRO E 20 5.45 8.07 10.22
N LYS E 21 6.29 7.06 10.18
CA LYS E 21 5.85 5.67 10.08
C LYS E 21 5.24 5.22 11.41
N ASP E 22 5.63 5.85 12.52
CA ASP E 22 5.20 5.43 13.84
C ASP E 22 3.82 5.96 14.21
N THR E 23 3.38 7.02 13.53
CA THR E 23 2.06 7.56 13.82
C THR E 23 1.04 6.85 12.93
N LEU E 24 1.50 6.11 11.92
CA LEU E 24 0.58 5.53 10.94
C LEU E 24 0.37 4.03 11.21
N MET E 25 1.20 3.44 12.07
CA MET E 25 1.09 2.01 12.32
C MET E 25 0.85 1.75 13.80
N ILE E 26 -0.31 1.15 14.09
CA ILE E 26 -0.77 0.93 15.45
C ILE E 26 0.14 -0.10 16.14
N SER E 27 0.91 -0.84 15.32
CA SER E 27 1.93 -1.78 15.74
C SER E 27 3.13 -1.09 16.38
N ARG E 28 3.26 0.23 16.20
CA ARG E 28 4.46 0.91 16.62
C ARG E 28 4.13 2.00 17.61
N THR E 29 5.18 2.44 18.29
CA THR E 29 5.09 3.47 19.31
C THR E 29 5.66 4.78 18.77
N PRO E 30 4.82 5.79 18.48
CA PRO E 30 5.32 7.15 18.24
C PRO E 30 5.74 7.82 19.54
N GLU E 31 6.71 8.74 19.44
CA GLU E 31 7.25 9.48 20.59
C GLU E 31 7.61 10.92 20.19
N VAL E 32 7.39 11.85 21.11
CA VAL E 32 7.99 13.18 21.01
C VAL E 32 9.21 13.22 21.93
N THR E 33 10.30 13.81 21.44
CA THR E 33 11.59 13.73 22.12
C THR E 33 12.10 15.13 22.38
N CYS E 34 12.42 15.41 23.66
CA CYS E 34 13.02 16.67 24.05
C CYS E 34 14.51 16.45 24.32
N VAL E 35 15.36 17.22 23.64
CA VAL E 35 16.80 17.10 23.76
C VAL E 35 17.35 18.41 24.33
N VAL E 36 18.11 18.31 25.42
CA VAL E 36 18.69 19.48 26.08
C VAL E 36 20.22 19.31 26.10
N VAL E 37 20.91 20.33 25.57
CA VAL E 37 22.37 20.27 25.39
C VAL E 37 23.02 21.44 26.14
N ASP E 38 24.29 21.26 26.52
CA ASP E 38 25.08 22.32 27.15
C ASP E 38 24.55 22.59 28.54
N VAL E 39 24.36 21.51 29.32
CA VAL E 39 23.90 21.62 30.69
C VAL E 39 25.13 21.50 31.59
N SER E 40 25.18 22.36 32.61
CA SER E 40 26.37 22.57 33.43
C SER E 40 26.54 21.46 34.48
N HIS E 41 27.78 20.98 34.65
CA HIS E 41 28.10 19.96 35.63
C HIS E 41 27.95 20.55 37.03
N GLU E 42 28.32 21.83 37.15
CA GLU E 42 27.89 22.68 38.24
C GLU E 42 26.37 22.81 38.19
N ASP E 43 25.69 22.05 39.05
CA ASP E 43 24.24 21.92 39.02
C ASP E 43 23.79 21.32 37.70
N PRO E 44 23.82 19.97 37.55
CA PRO E 44 23.24 19.31 36.37
C PRO E 44 21.79 18.83 36.52
N GLU E 45 21.04 19.43 37.46
CA GLU E 45 19.62 19.20 37.65
C GLU E 45 18.84 19.75 36.46
N VAL E 46 18.17 18.84 35.73
CA VAL E 46 17.23 19.17 34.66
C VAL E 46 15.88 18.61 35.09
N LYS E 47 14.84 19.44 35.00
CA LYS E 47 13.48 19.02 35.29
C LYS E 47 12.67 19.14 34.00
N PHE E 48 11.86 18.11 33.76
CA PHE E 48 11.00 18.03 32.59
C PHE E 48 9.55 17.99 33.04
N ASN E 49 8.71 18.80 32.38
CA ASN E 49 7.27 18.74 32.56
C ASN E 49 6.63 18.70 31.18
N TRP E 50 5.75 17.71 30.99
CA TRP E 50 5.15 17.45 29.69
C TRP E 50 3.66 17.77 29.75
N TYR E 51 3.16 18.44 28.70
CA TYR E 51 1.78 18.88 28.66
C TYR E 51 1.17 18.51 27.31
N VAL E 52 -0.06 17.98 27.35
CA VAL E 52 -0.79 17.59 26.16
C VAL E 52 -2.04 18.46 26.09
N ASP E 53 -1.95 19.59 25.41
CA ASP E 53 -3.01 20.59 25.46
C ASP E 53 -3.19 21.03 26.91
N GLY E 54 -2.12 21.58 27.50
CA GLY E 54 -2.18 22.10 28.85
C GLY E 54 -1.95 21.01 29.90
N VAL E 55 -2.65 19.88 29.74
CA VAL E 55 -2.75 18.86 30.77
C VAL E 55 -1.42 18.17 31.01
N GLU E 56 -0.97 18.20 32.28
CA GLU E 56 0.31 17.62 32.65
C GLU E 56 0.19 16.10 32.59
N VAL E 57 1.30 15.46 32.19
CA VAL E 57 1.37 14.02 31.96
C VAL E 57 2.68 13.52 32.56
N HIS E 58 2.61 12.35 33.18
CA HIS E 58 3.69 11.85 34.01
C HIS E 58 4.08 10.46 33.51
N ASN E 59 4.06 10.27 32.19
CA ASN E 59 4.45 9.01 31.60
C ASN E 59 5.77 9.15 30.86
N ALA E 60 6.34 10.36 30.82
CA ALA E 60 7.57 10.60 30.09
C ALA E 60 8.67 9.71 30.68
N LYS E 61 9.79 9.62 29.98
CA LYS E 61 10.98 8.97 30.51
C LYS E 61 12.18 9.82 30.12
N THR E 62 13.10 10.00 31.06
CA THR E 62 14.32 10.75 30.79
C THR E 62 15.49 9.77 30.78
N LYS E 63 16.11 9.58 29.62
CA LYS E 63 17.33 8.81 29.51
C LYS E 63 18.39 9.46 30.39
N PRO E 64 19.26 8.69 31.11
CA PRO E 64 20.22 9.29 32.04
C PRO E 64 21.15 10.29 31.36
N ARG E 65 21.74 11.18 32.17
CA ARG E 65 22.65 12.19 31.66
C ARG E 65 23.73 11.53 30.81
N GLU E 66 24.24 12.27 29.81
CA GLU E 66 25.28 11.75 28.94
C GLU E 66 26.24 12.89 28.58
N GLU E 67 27.54 12.67 28.81
CA GLU E 67 28.51 13.75 28.74
C GLU E 67 29.32 13.62 27.45
N GLN E 68 29.86 14.75 26.98
CA GLN E 68 30.72 14.81 25.82
C GLN E 68 32.14 15.20 26.26
N TYR E 69 32.96 15.61 25.30
CA TYR E 69 34.34 16.06 25.51
C TYR E 69 34.44 17.18 26.54
N ASN E 70 33.48 18.10 26.49
CA ASN E 70 33.52 19.32 27.30
C ASN E 70 33.03 19.02 28.72
N SER E 71 32.72 17.76 29.00
CA SER E 71 32.04 17.33 30.23
C SER E 71 30.74 18.10 30.40
N THR E 72 30.24 18.73 29.34
CA THR E 72 28.87 19.24 29.31
C THR E 72 28.00 18.07 28.85
N TYR E 73 26.74 18.09 29.29
CA TYR E 73 25.91 16.89 29.24
C TYR E 73 24.92 17.07 28.11
N ARG E 74 24.06 16.06 27.92
CA ARG E 74 22.97 16.13 26.96
C ARG E 74 21.90 15.16 27.44
N VAL E 75 20.74 15.71 27.83
CA VAL E 75 19.71 14.89 28.45
C VAL E 75 18.47 14.91 27.55
N VAL E 76 17.79 13.76 27.51
CA VAL E 76 16.73 13.49 26.57
C VAL E 76 15.53 12.89 27.27
N SER E 77 14.39 13.55 27.13
CA SER E 77 13.11 13.02 27.58
C SER E 77 12.37 12.43 26.38
N VAL E 78 11.56 11.39 26.64
CA VAL E 78 10.83 10.68 25.60
C VAL E 78 9.37 10.50 26.02
N LEU E 79 8.48 11.22 25.34
CA LEU E 79 7.06 11.12 25.65
C LEU E 79 6.41 10.26 24.58
N THR E 80 6.09 9.02 24.92
CA THR E 80 5.30 8.19 24.01
C THR E 80 3.91 8.80 23.91
N VAL E 81 3.37 8.83 22.69
CA VAL E 81 2.11 9.48 22.40
C VAL E 81 1.14 8.48 21.78
N LEU E 82 -0.12 8.88 21.66
CA LEU E 82 -1.10 8.10 20.94
C LEU E 82 -1.15 8.58 19.48
N HIS E 83 -1.14 7.61 18.56
CA HIS E 83 -1.33 7.85 17.14
C HIS E 83 -2.40 8.91 16.91
N GLN E 84 -3.61 8.65 17.42
CA GLN E 84 -4.76 9.49 17.14
C GLN E 84 -4.64 10.86 17.81
N ASP E 85 -3.93 10.95 18.93
CA ASP E 85 -3.72 12.24 19.57
C ASP E 85 -2.93 13.13 18.62
N TRP E 86 -1.74 12.66 18.23
CA TRP E 86 -0.89 13.37 17.30
C TRP E 86 -1.66 13.79 16.03
N LEU E 87 -2.34 12.81 15.44
CA LEU E 87 -2.98 12.94 14.14
C LEU E 87 -4.18 13.87 14.22
N ASN E 88 -4.84 13.95 15.39
CA ASN E 88 -5.96 14.86 15.56
C ASN E 88 -5.43 16.26 15.93
N GLY E 89 -4.10 16.37 16.02
CA GLY E 89 -3.43 17.65 16.02
C GLY E 89 -3.31 18.22 17.43
N LYS E 90 -3.15 17.33 18.41
CA LYS E 90 -2.89 17.78 19.76
C LYS E 90 -1.47 18.33 19.84
N GLU E 91 -1.24 19.12 20.91
CA GLU E 91 -0.05 19.91 21.10
C GLU E 91 0.75 19.38 22.28
N TYR E 92 2.06 19.22 22.08
CA TYR E 92 2.95 18.62 23.06
C TYR E 92 3.96 19.67 23.49
N LYS E 93 3.84 20.10 24.76
CA LYS E 93 4.73 21.09 25.34
C LYS E 93 5.74 20.38 26.24
N CYS E 94 6.97 20.90 26.30
CA CYS E 94 7.93 20.46 27.27
C CYS E 94 8.48 21.69 27.99
N LYS E 95 8.29 21.73 29.32
CA LYS E 95 8.90 22.74 30.17
C LYS E 95 10.23 22.19 30.69
N VAL E 96 11.33 22.74 30.19
CA VAL E 96 12.66 22.31 30.61
C VAL E 96 13.18 23.35 31.60
N SER E 97 13.66 22.87 32.75
CA SER E 97 14.00 23.73 33.87
C SER E 97 15.37 23.37 34.43
N ASN E 98 16.40 24.10 34.00
CA ASN E 98 17.77 23.97 34.49
C ASN E 98 18.04 25.03 35.56
N LYS E 99 19.29 25.09 36.02
CA LYS E 99 19.75 26.19 36.87
C LYS E 99 20.33 27.27 35.96
N ALA E 100 21.31 26.87 35.13
CA ALA E 100 22.12 27.78 34.33
C ALA E 100 21.27 28.80 33.58
N LEU E 101 20.12 28.36 33.04
CA LEU E 101 19.25 29.24 32.26
C LEU E 101 18.43 30.09 33.23
N PRO E 102 18.40 31.44 33.04
CA PRO E 102 17.67 32.33 33.95
C PRO E 102 16.25 31.89 34.27
N ALA E 103 15.55 31.37 33.26
CA ALA E 103 14.13 31.07 33.35
C ALA E 103 13.83 29.80 32.57
N PRO E 104 13.03 28.83 33.09
CA PRO E 104 12.71 27.60 32.36
C PRO E 104 12.31 27.82 30.89
N ILE E 105 12.55 26.79 30.05
CA ILE E 105 12.28 26.87 28.63
C ILE E 105 11.00 26.11 28.29
N GLU E 106 10.13 26.74 27.50
CA GLU E 106 8.88 26.14 27.08
C GLU E 106 8.83 26.06 25.56
N LYS E 107 8.82 24.82 25.05
CA LYS E 107 8.69 24.52 23.63
C LYS E 107 7.46 23.65 23.39
N THR E 108 6.78 23.91 22.28
CA THR E 108 5.57 23.18 21.91
C THR E 108 5.73 22.68 20.48
N ILE E 109 5.28 21.45 20.24
CA ILE E 109 5.30 20.84 18.92
C ILE E 109 3.97 20.17 18.62
N SER E 110 3.60 20.12 17.33
CA SER E 110 2.32 19.55 16.90
C SER E 110 2.28 19.33 15.38
N LYS E 111 1.46 18.38 14.94
CA LYS E 111 1.20 18.17 13.52
C LYS E 111 0.70 19.45 12.85
N ALA E 112 0.98 19.60 11.56
CA ALA E 112 0.60 20.76 10.79
C ALA E 112 -0.91 20.83 10.56
N LYS E 113 -1.49 21.98 10.86
CA LYS E 113 -2.90 22.25 10.66
C LYS E 113 -3.22 22.32 9.16
N GLY E 114 -4.38 21.76 8.79
CA GLY E 114 -4.94 21.92 7.45
C GLY E 114 -5.58 20.62 7.00
N GLN E 115 -6.59 20.73 6.11
CA GLN E 115 -7.27 19.58 5.56
C GLN E 115 -6.21 18.65 4.95
N PRO E 116 -6.13 17.38 5.42
CA PRO E 116 -5.24 16.39 4.79
C PRO E 116 -5.53 16.13 3.32
N ARG E 117 -4.49 15.79 2.56
CA ARG E 117 -4.58 15.63 1.13
C ARG E 117 -3.76 14.43 0.66
N GLU E 118 -4.34 13.64 -0.25
CA GLU E 118 -3.80 12.35 -0.63
C GLU E 118 -2.62 12.48 -1.60
N PRO E 119 -1.48 11.81 -1.33
CA PRO E 119 -0.35 11.79 -2.26
C PRO E 119 -0.64 11.08 -3.58
N GLN E 120 -0.13 11.65 -4.67
CA GLN E 120 -0.09 10.97 -5.96
C GLN E 120 1.31 10.45 -6.20
N VAL E 121 1.44 9.14 -6.37
CA VAL E 121 2.72 8.45 -6.45
C VAL E 121 2.95 8.00 -7.89
N TYR E 122 3.98 8.57 -8.52
CA TYR E 122 4.32 8.21 -9.90
C TYR E 122 5.81 7.86 -9.94
N THR E 123 6.14 6.71 -10.54
CA THR E 123 7.52 6.34 -10.76
C THR E 123 7.90 6.76 -12.17
N LEU E 124 9.17 7.21 -12.30
CA LEU E 124 9.76 7.66 -13.54
C LEU E 124 11.01 6.81 -13.82
N PRO E 125 11.20 6.24 -15.04
CA PRO E 125 12.42 5.53 -15.38
C PRO E 125 13.63 6.42 -15.64
N PRO E 126 14.85 5.84 -15.71
CA PRO E 126 16.06 6.61 -16.03
C PRO E 126 15.94 7.36 -17.36
N SER E 127 16.62 8.51 -17.46
CA SER E 127 16.78 9.20 -18.72
C SER E 127 17.58 8.32 -19.69
N ARG E 128 17.28 8.42 -20.99
CA ARG E 128 18.05 7.69 -22.01
C ARG E 128 19.53 8.01 -21.85
N ASP E 129 19.83 9.29 -21.65
CA ASP E 129 21.20 9.76 -21.60
C ASP E 129 21.94 9.11 -20.43
N GLU E 130 21.23 8.75 -19.36
CA GLU E 130 21.86 8.23 -18.16
C GLU E 130 22.38 6.80 -18.39
N LEU E 131 21.88 6.14 -19.44
CA LEU E 131 22.13 4.72 -19.69
C LEU E 131 23.59 4.49 -20.08
N THR E 132 24.30 5.56 -20.43
CA THR E 132 25.72 5.45 -20.73
C THR E 132 26.52 5.21 -19.45
N LYS E 133 25.89 5.26 -18.27
CA LYS E 133 26.61 5.11 -17.01
C LYS E 133 26.56 3.65 -16.53
N ASN E 134 27.24 3.38 -15.41
CA ASN E 134 27.22 2.07 -14.79
C ASN E 134 26.03 1.94 -13.87
N GLN E 135 25.77 2.99 -13.09
CA GLN E 135 24.59 3.02 -12.24
C GLN E 135 23.54 3.93 -12.88
N VAL E 136 22.26 3.58 -12.67
CA VAL E 136 21.17 4.40 -13.18
C VAL E 136 20.24 4.80 -12.05
N SER E 137 19.41 5.83 -12.30
CA SER E 137 18.60 6.47 -11.28
C SER E 137 17.11 6.19 -11.51
N LEU E 138 16.55 5.32 -10.67
CA LEU E 138 15.12 5.07 -10.63
C LEU E 138 14.47 6.13 -9.75
N THR E 139 13.46 6.83 -10.29
CA THR E 139 12.91 8.02 -9.66
C THR E 139 11.47 7.77 -9.23
N CYS E 140 11.05 8.35 -8.08
CA CYS E 140 9.65 8.35 -7.68
C CYS E 140 9.23 9.76 -7.24
N LEU E 141 8.17 10.25 -7.89
CA LEU E 141 7.58 11.55 -7.60
C LEU E 141 6.37 11.36 -6.70
N VAL E 142 6.35 12.05 -5.55
CA VAL E 142 5.18 12.07 -4.68
C VAL E 142 4.69 13.51 -4.59
N LYS E 143 3.42 13.73 -4.94
CA LYS E 143 2.91 15.06 -5.25
C LYS E 143 1.54 15.29 -4.61
N GLY E 144 1.28 16.55 -4.24
CA GLY E 144 -0.06 16.99 -3.88
C GLY E 144 -0.55 16.47 -2.53
N PHE E 145 0.35 16.28 -1.56
CA PHE E 145 0.00 15.66 -0.30
C PHE E 145 0.13 16.65 0.86
N TYR E 146 -0.68 16.42 1.89
CA TYR E 146 -0.71 17.29 3.06
C TYR E 146 -1.15 16.46 4.27
N PRO E 147 -0.55 16.64 5.47
CA PRO E 147 0.64 17.45 5.66
C PRO E 147 1.88 16.70 5.16
N SER E 148 3.04 17.31 5.41
CA SER E 148 4.29 16.92 4.79
C SER E 148 4.80 15.61 5.39
N ASP E 149 4.42 15.31 6.64
CA ASP E 149 4.90 14.10 7.30
C ASP E 149 4.60 12.90 6.38
N ILE E 150 5.66 12.16 6.00
CA ILE E 150 5.51 11.06 5.07
C ILE E 150 6.69 10.11 5.23
N ALA E 151 6.49 8.85 4.82
CA ALA E 151 7.57 7.86 4.74
C ALA E 151 7.69 7.36 3.30
N VAL E 152 8.88 6.97 2.86
CA VAL E 152 9.12 6.49 1.51
C VAL E 152 10.30 5.50 1.51
N GLU E 153 10.06 4.27 1.03
CA GLU E 153 11.08 3.24 0.95
C GLU E 153 10.97 2.53 -0.39
N TRP E 154 12.06 1.80 -0.73
CA TRP E 154 12.14 1.05 -1.97
C TRP E 154 12.40 -0.43 -1.67
N GLU E 155 12.01 -1.28 -2.62
CA GLU E 155 12.24 -2.72 -2.51
C GLU E 155 12.16 -3.37 -3.88
N SER E 156 12.72 -4.57 -3.96
CA SER E 156 12.62 -5.42 -5.13
C SER E 156 12.61 -6.88 -4.70
N ASN E 157 11.83 -7.67 -5.43
CA ASN E 157 11.77 -9.11 -5.20
C ASN E 157 11.62 -9.42 -3.71
N GLY E 158 10.73 -8.68 -3.06
CA GLY E 158 10.38 -8.93 -1.66
C GLY E 158 11.58 -8.73 -0.73
N GLN E 159 12.43 -7.76 -1.08
CA GLN E 159 13.57 -7.45 -0.23
C GLN E 159 13.84 -5.96 -0.29
N PRO E 160 14.23 -5.33 0.84
CA PRO E 160 14.58 -3.90 0.85
C PRO E 160 15.73 -3.52 -0.08
N GLU E 161 15.53 -2.47 -0.86
CA GLU E 161 16.60 -1.82 -1.60
C GLU E 161 16.97 -0.54 -0.85
N ASN E 162 18.21 -0.41 -0.40
CA ASN E 162 18.52 0.65 0.56
C ASN E 162 19.36 1.76 -0.05
N ASN E 163 19.64 1.69 -1.34
CA ASN E 163 20.54 2.62 -1.97
C ASN E 163 19.71 3.71 -2.64
N TYR E 164 19.01 4.48 -1.79
CA TYR E 164 18.19 5.57 -2.26
C TYR E 164 18.37 6.72 -1.28
N LYS E 165 18.01 7.91 -1.77
CA LYS E 165 17.87 9.11 -0.98
C LYS E 165 16.56 9.77 -1.39
N THR E 166 15.88 10.39 -0.43
CA THR E 166 14.65 11.11 -0.73
C THR E 166 14.85 12.59 -0.43
N THR E 167 14.29 13.46 -1.26
CA THR E 167 14.42 14.87 -0.99
C THR E 167 13.54 15.22 0.20
N PRO E 168 13.76 16.37 0.84
CA PRO E 168 12.76 16.92 1.76
C PRO E 168 11.51 17.24 0.95
N PRO E 169 10.38 17.39 1.65
CA PRO E 169 9.16 17.85 1.03
C PRO E 169 9.37 19.31 0.68
N VAL E 170 8.60 19.73 -0.32
CA VAL E 170 8.70 21.04 -0.91
C VAL E 170 7.29 21.59 -1.09
N LEU E 171 7.09 22.84 -0.68
CA LEU E 171 5.77 23.42 -0.71
C LEU E 171 5.45 23.78 -2.16
N ASP E 172 4.33 23.26 -2.64
CA ASP E 172 3.95 23.47 -4.01
C ASP E 172 3.07 24.72 -4.10
N SER E 173 2.74 25.11 -5.35
CA SER E 173 2.07 26.37 -5.61
C SER E 173 0.62 26.35 -5.16
N ASP E 174 0.06 25.15 -4.97
CA ASP E 174 -1.29 24.98 -4.46
C ASP E 174 -1.32 24.76 -2.95
N GLY E 175 -0.15 24.83 -2.29
CA GLY E 175 -0.08 24.65 -0.84
C GLY E 175 -0.04 23.20 -0.41
N SER E 176 0.09 22.26 -1.35
CA SER E 176 0.39 20.87 -1.02
C SER E 176 1.90 20.65 -0.94
N PHE E 177 2.35 19.39 -0.80
CA PHE E 177 3.78 19.11 -0.80
C PHE E 177 4.13 18.13 -1.92
N PHE E 178 5.39 18.19 -2.37
CA PHE E 178 5.91 17.14 -3.23
C PHE E 178 7.34 16.84 -2.75
N LEU E 179 7.79 15.63 -3.05
CA LEU E 179 9.21 15.28 -2.96
C LEU E 179 9.54 14.32 -4.09
N TYR E 180 10.83 14.03 -4.27
CA TYR E 180 11.27 12.96 -5.16
C TYR E 180 12.14 12.00 -4.35
N SER E 181 12.07 10.71 -4.68
CA SER E 181 12.99 9.72 -4.15
C SER E 181 13.76 9.09 -5.30
N LYS E 182 15.04 8.78 -5.03
CA LYS E 182 15.99 8.32 -6.05
C LYS E 182 16.73 7.07 -5.57
N LEU E 183 16.40 5.92 -6.19
CA LEU E 183 17.11 4.66 -6.00
C LEU E 183 18.11 4.47 -7.12
N THR E 184 19.34 4.10 -6.74
CA THR E 184 20.43 3.90 -7.68
C THR E 184 20.72 2.40 -7.77
N VAL E 185 20.89 1.91 -8.99
CA VAL E 185 21.03 0.48 -9.25
C VAL E 185 21.92 0.26 -10.46
N ASP E 186 22.78 -0.77 -10.37
CA ASP E 186 23.67 -1.13 -11.45
C ASP E 186 22.87 -1.33 -12.74
N LYS E 187 23.33 -0.69 -13.82
CA LYS E 187 22.60 -0.63 -15.07
C LYS E 187 22.28 -2.05 -15.56
N SER E 188 23.19 -3.00 -15.29
CA SER E 188 22.91 -4.42 -15.51
C SER E 188 21.51 -4.80 -15.05
N ARG E 189 21.23 -4.55 -13.75
CA ARG E 189 19.98 -4.95 -13.13
C ARG E 189 18.78 -4.28 -13.78
N TRP E 190 18.90 -2.97 -14.07
CA TRP E 190 17.79 -2.26 -14.67
C TRP E 190 17.50 -2.90 -16.03
N GLN E 191 18.58 -3.30 -16.73
CA GLN E 191 18.52 -3.66 -18.14
C GLN E 191 18.07 -5.10 -18.33
N GLN E 192 18.40 -5.99 -17.39
CA GLN E 192 17.88 -7.35 -17.44
C GLN E 192 16.36 -7.29 -17.52
N GLY E 193 15.74 -6.56 -16.59
CA GLY E 193 14.32 -6.26 -16.65
C GLY E 193 13.60 -6.52 -15.32
N ASN E 194 14.33 -6.43 -14.21
CA ASN E 194 13.77 -6.65 -12.88
C ASN E 194 12.79 -5.54 -12.54
N VAL E 195 12.04 -5.76 -11.45
CA VAL E 195 10.99 -4.85 -11.05
C VAL E 195 11.37 -4.26 -9.69
N PHE E 196 11.21 -2.94 -9.60
CA PHE E 196 11.46 -2.22 -8.36
C PHE E 196 10.18 -1.51 -7.93
N SER E 197 10.04 -1.32 -6.61
CA SER E 197 8.82 -0.77 -6.05
C SER E 197 9.13 0.31 -5.02
N CYS E 198 8.35 1.39 -5.07
CA CYS E 198 8.41 2.48 -4.11
C CYS E 198 7.18 2.42 -3.21
N SER E 199 7.40 2.18 -1.91
CA SER E 199 6.34 2.17 -0.91
C SER E 199 6.22 3.57 -0.32
N VAL E 200 4.99 4.10 -0.27
CA VAL E 200 4.73 5.41 0.31
C VAL E 200 3.72 5.22 1.43
N MET E 201 3.95 5.86 2.58
CA MET E 201 3.01 5.79 3.69
C MET E 201 2.68 7.21 4.11
N HIS E 202 1.37 7.49 4.20
CA HIS E 202 0.82 8.80 4.50
C HIS E 202 -0.56 8.63 5.15
N GLU E 203 -0.99 9.61 5.95
CA GLU E 203 -2.24 9.53 6.68
C GLU E 203 -3.43 9.53 5.71
N ALA E 204 -3.25 10.14 4.55
CA ALA E 204 -4.35 10.41 3.64
C ALA E 204 -4.50 9.27 2.64
N LEU E 205 -3.67 8.24 2.75
CA LEU E 205 -3.83 7.05 1.92
C LEU E 205 -4.71 6.03 2.63
N HIS E 206 -5.58 5.36 1.85
CA HIS E 206 -6.26 4.17 2.33
C HIS E 206 -5.18 3.21 2.80
N ASN E 207 -5.38 2.70 4.03
CA ASN E 207 -4.46 1.75 4.66
C ASN E 207 -3.13 2.39 5.01
N HIS E 208 -3.07 3.72 4.95
CA HIS E 208 -1.86 4.47 5.26
C HIS E 208 -0.69 3.96 4.42
N TYR E 209 -0.95 3.50 3.20
CA TYR E 209 0.08 2.74 2.49
C TYR E 209 -0.32 2.56 1.04
N THR E 210 0.65 2.76 0.14
CA THR E 210 0.46 2.48 -1.28
C THR E 210 1.81 2.15 -1.89
N GLN E 211 1.79 1.61 -3.09
CA GLN E 211 3.01 1.13 -3.71
C GLN E 211 2.90 1.26 -5.22
N LYS E 212 4.03 1.51 -5.88
CA LYS E 212 4.10 1.68 -7.32
C LYS E 212 5.39 1.04 -7.81
N SER E 213 5.33 0.43 -8.99
CA SER E 213 6.42 -0.39 -9.48
C SER E 213 6.96 0.18 -10.77
N LEU E 214 8.12 -0.34 -11.18
CA LEU E 214 8.90 0.26 -12.24
C LEU E 214 9.86 -0.80 -12.79
N SER E 215 9.88 -0.93 -14.12
CA SER E 215 10.68 -1.93 -14.80
C SER E 215 10.92 -1.53 -16.24
N LEU E 216 11.96 -2.12 -16.84
CA LEU E 216 12.50 -1.69 -18.11
C LEU E 216 11.49 -1.79 -19.27
N SER E 217 10.46 -2.63 -19.13
CA SER E 217 9.41 -2.65 -20.13
C SER E 217 8.56 -1.37 -20.03
N GLY F 9 22.33 36.83 26.98
CA GLY F 9 22.47 36.12 25.69
C GLY F 9 22.94 37.07 24.59
N GLY F 10 22.48 38.32 24.65
CA GLY F 10 23.00 39.40 23.84
C GLY F 10 22.53 39.30 22.39
N PRO F 11 23.21 39.98 21.42
CA PRO F 11 22.82 39.92 20.01
C PRO F 11 23.13 38.55 19.41
N SER F 12 23.11 38.47 18.07
CA SER F 12 23.46 37.26 17.36
C SER F 12 23.80 37.62 15.91
N VAL F 13 24.70 36.83 15.29
CA VAL F 13 25.28 37.19 14.00
C VAL F 13 25.17 36.03 13.01
N PHE F 14 24.74 36.37 11.77
CA PHE F 14 24.66 35.42 10.68
C PHE F 14 25.28 36.00 9.41
N LEU F 15 25.68 35.08 8.53
CA LEU F 15 26.58 35.40 7.44
C LEU F 15 26.20 34.57 6.22
N PHE F 16 25.75 35.23 5.15
CA PHE F 16 25.11 34.54 4.05
C PHE F 16 25.95 34.65 2.79
N PRO F 17 26.05 33.57 2.00
CA PRO F 17 26.86 33.54 0.79
C PRO F 17 26.16 34.26 -0.35
N PRO F 18 26.89 34.55 -1.44
CA PRO F 18 26.31 35.22 -2.60
C PRO F 18 25.34 34.29 -3.32
N LYS F 19 24.50 34.87 -4.18
CA LYS F 19 23.58 34.09 -5.00
C LYS F 19 24.37 33.29 -6.03
N PRO F 20 24.04 32.00 -6.26
CA PRO F 20 24.88 31.14 -7.10
C PRO F 20 25.08 31.73 -8.50
N LYS F 21 24.04 32.40 -9.02
CA LYS F 21 24.08 32.91 -10.37
C LYS F 21 24.99 34.15 -10.45
N ASP F 22 25.22 34.83 -9.30
CA ASP F 22 26.01 36.04 -9.29
C ASP F 22 27.51 35.78 -9.26
N THR F 23 27.91 34.58 -8.85
CA THR F 23 29.33 34.27 -8.83
C THR F 23 29.74 33.70 -10.18
N LEU F 24 28.76 33.34 -11.03
CA LEU F 24 29.07 32.66 -12.27
C LEU F 24 28.98 33.62 -13.46
N MET F 25 28.40 34.82 -13.24
CA MET F 25 28.24 35.76 -14.34
C MET F 25 28.93 37.09 -14.02
N ILE F 26 29.92 37.41 -14.86
CA ILE F 26 30.77 38.58 -14.66
C ILE F 26 29.95 39.86 -14.82
N SER F 27 28.77 39.72 -15.47
CA SER F 27 27.78 40.77 -15.63
C SER F 27 27.12 41.17 -14.32
N ARG F 28 27.26 40.34 -13.28
CA ARG F 28 26.53 40.59 -12.05
C ARG F 28 27.47 40.75 -10.89
N THR F 29 26.93 41.29 -9.81
CA THR F 29 27.70 41.56 -8.59
C THR F 29 27.30 40.56 -7.51
N PRO F 30 28.18 39.59 -7.17
CA PRO F 30 28.00 38.78 -5.97
C PRO F 30 28.27 39.58 -4.70
N GLU F 31 27.61 39.19 -3.60
CA GLU F 31 27.74 39.84 -2.31
C GLU F 31 27.67 38.84 -1.17
N VAL F 32 28.47 39.07 -0.12
CA VAL F 32 28.29 38.38 1.15
C VAL F 32 27.55 39.34 2.09
N THR F 33 26.61 38.81 2.87
CA THR F 33 25.75 39.62 3.71
C THR F 33 25.89 39.16 5.15
N CYS F 34 26.18 40.12 6.04
CA CYS F 34 26.22 39.89 7.48
C CYS F 34 24.94 40.44 8.10
N VAL F 35 24.23 39.58 8.84
CA VAL F 35 23.00 39.95 9.51
C VAL F 35 23.24 39.83 11.01
N VAL F 36 22.95 40.91 11.74
CA VAL F 36 23.09 40.94 13.18
C VAL F 36 21.71 41.21 13.78
N VAL F 37 21.25 40.30 14.66
CA VAL F 37 19.90 40.34 15.19
C VAL F 37 19.95 40.41 16.72
N ASP F 38 18.89 40.96 17.32
CA ASP F 38 18.79 41.12 18.75
C ASP F 38 19.83 42.15 19.22
N VAL F 39 19.88 43.29 18.52
CA VAL F 39 20.61 44.46 18.97
C VAL F 39 19.56 45.40 19.55
N SER F 40 19.82 45.92 20.76
CA SER F 40 18.80 46.59 21.55
C SER F 40 19.03 48.10 21.52
N HIS F 41 18.06 48.83 22.08
CA HIS F 41 18.13 50.28 22.19
C HIS F 41 19.20 50.63 23.22
N GLU F 42 19.30 49.80 24.26
CA GLU F 42 20.48 49.73 25.10
C GLU F 42 21.65 49.24 24.24
N ASP F 43 22.50 50.19 23.85
CA ASP F 43 23.59 49.96 22.92
C ASP F 43 23.02 49.58 21.54
N PRO F 44 22.59 50.56 20.72
CA PRO F 44 22.17 50.28 19.34
C PRO F 44 23.23 50.41 18.24
N GLU F 45 24.38 51.02 18.57
CA GLU F 45 25.44 51.22 17.59
C GLU F 45 26.18 49.89 17.40
N VAL F 46 26.22 49.41 16.15
CA VAL F 46 27.02 48.24 15.75
C VAL F 46 28.10 48.68 14.77
N LYS F 47 29.32 48.11 14.91
CA LYS F 47 30.43 48.39 14.02
C LYS F 47 30.79 47.12 13.25
N PHE F 48 31.14 47.30 11.97
CA PHE F 48 31.46 46.21 11.06
C PHE F 48 32.89 46.37 10.56
N ASN F 49 33.64 45.27 10.56
CA ASN F 49 34.94 45.21 9.91
C ASN F 49 34.99 43.93 9.08
N TRP F 50 35.39 44.09 7.81
CA TRP F 50 35.35 43.01 6.84
C TRP F 50 36.77 42.61 6.47
N TYR F 51 37.02 41.29 6.39
CA TYR F 51 38.35 40.78 6.11
C TYR F 51 38.25 39.70 5.02
N VAL F 52 39.19 39.76 4.06
CA VAL F 52 39.28 38.80 2.98
C VAL F 52 40.61 38.07 3.13
N ASP F 53 40.61 36.96 3.86
CA ASP F 53 41.86 36.32 4.24
C ASP F 53 42.69 37.31 5.06
N GLY F 54 42.12 37.76 6.18
CA GLY F 54 42.82 38.64 7.10
C GLY F 54 42.71 40.12 6.67
N VAL F 55 42.91 40.40 5.38
CA VAL F 55 43.10 41.75 4.88
C VAL F 55 41.80 42.55 5.00
N GLU F 56 41.88 43.69 5.68
CA GLU F 56 40.71 44.54 5.88
C GLU F 56 40.32 45.18 4.56
N VAL F 57 39.00 45.35 4.37
CA VAL F 57 38.42 45.82 3.13
C VAL F 57 37.32 46.85 3.47
N HIS F 58 37.25 47.91 2.68
CA HIS F 58 36.49 49.09 3.07
C HIS F 58 35.44 49.42 2.01
N ASN F 59 34.93 48.39 1.33
CA ASN F 59 33.94 48.61 0.28
C ASN F 59 32.59 48.05 0.70
N ALA F 60 32.49 47.48 1.91
CA ALA F 60 31.21 47.06 2.45
C ALA F 60 30.26 48.25 2.54
N LYS F 61 28.97 47.98 2.76
CA LYS F 61 27.97 48.99 3.04
C LYS F 61 27.01 48.42 4.08
N THR F 62 26.52 49.26 5.00
CA THR F 62 25.58 48.82 6.01
C THR F 62 24.22 49.46 5.75
N LYS F 63 23.23 48.63 5.38
CA LYS F 63 21.87 49.08 5.22
C LYS F 63 21.37 49.62 6.57
N PRO F 64 20.50 50.65 6.57
CA PRO F 64 20.02 51.25 7.82
C PRO F 64 19.38 50.25 8.77
N ARG F 65 19.33 50.63 10.05
CA ARG F 65 18.79 49.78 11.10
C ARG F 65 17.36 49.41 10.72
N GLU F 66 16.87 48.31 11.29
CA GLU F 66 15.49 47.87 11.15
C GLU F 66 15.04 47.24 12.46
N GLU F 67 13.74 47.35 12.78
CA GLU F 67 13.22 46.82 14.03
C GLU F 67 12.48 45.51 13.76
N GLN F 68 12.44 44.66 14.80
CA GLN F 68 11.71 43.40 14.79
C GLN F 68 10.60 43.50 15.83
N TYR F 69 10.16 42.36 16.40
CA TYR F 69 9.45 42.36 17.68
C TYR F 69 10.53 42.49 18.75
N ASN F 70 10.12 42.73 20.00
CA ASN F 70 11.03 42.93 21.12
C ASN F 70 11.65 44.32 21.08
N SER F 71 11.33 45.11 20.05
CA SER F 71 11.95 46.39 19.80
C SER F 71 13.48 46.27 19.77
N THR F 72 13.93 45.05 19.41
CA THR F 72 15.32 44.82 19.04
C THR F 72 15.50 45.28 17.60
N TYR F 73 16.74 45.63 17.26
CA TYR F 73 17.10 45.98 15.90
C TYR F 73 17.60 44.76 15.14
N ARG F 74 17.94 45.00 13.87
CA ARG F 74 18.57 44.03 13.01
C ARG F 74 19.38 44.81 11.98
N VAL F 75 20.70 44.65 11.98
CA VAL F 75 21.53 45.46 11.09
C VAL F 75 22.26 44.54 10.12
N VAL F 76 22.43 45.02 8.87
CA VAL F 76 22.87 44.20 7.77
C VAL F 76 23.96 44.92 6.98
N SER F 77 25.14 44.28 6.90
CA SER F 77 26.23 44.76 6.08
C SER F 77 26.25 43.95 4.77
N VAL F 78 26.71 44.58 3.68
CA VAL F 78 26.68 43.96 2.35
C VAL F 78 28.02 44.17 1.66
N LEU F 79 28.82 43.10 1.56
CA LEU F 79 30.15 43.20 1.00
C LEU F 79 30.10 42.64 -0.40
N THR F 80 30.16 43.51 -1.42
CA THR F 80 30.32 43.04 -2.77
C THR F 80 31.71 42.41 -2.90
N VAL F 81 31.77 41.27 -3.60
CA VAL F 81 32.98 40.45 -3.69
C VAL F 81 33.38 40.25 -5.14
N LEU F 82 34.56 39.67 -5.35
CA LEU F 82 34.96 39.31 -6.70
C LEU F 82 34.59 37.85 -6.95
N HIS F 83 33.99 37.60 -8.11
CA HIS F 83 33.66 36.27 -8.58
C HIS F 83 34.79 35.30 -8.24
N GLN F 84 35.98 35.60 -8.77
CA GLN F 84 37.10 34.69 -8.71
C GLN F 84 37.61 34.52 -7.28
N ASP F 85 37.47 35.56 -6.44
CA ASP F 85 37.87 35.44 -5.04
C ASP F 85 37.04 34.34 -4.39
N TRP F 86 35.72 34.51 -4.41
CA TRP F 86 34.79 33.56 -3.83
C TRP F 86 35.08 32.15 -4.35
N LEU F 87 35.17 32.03 -5.68
CA LEU F 87 35.22 30.74 -6.36
C LEU F 87 36.57 30.06 -6.11
N ASN F 88 37.63 30.83 -5.86
CA ASN F 88 38.93 30.26 -5.54
C ASN F 88 38.99 29.94 -4.04
N GLY F 89 37.91 30.26 -3.33
CA GLY F 89 37.67 29.74 -2.00
C GLY F 89 38.29 30.62 -0.93
N LYS F 90 38.30 31.92 -1.18
CA LYS F 90 38.76 32.87 -0.18
C LYS F 90 37.71 32.95 0.91
N GLU F 91 38.16 33.49 2.07
CA GLU F 91 37.40 33.49 3.31
C GLU F 91 37.01 34.93 3.66
N TYR F 92 35.75 35.10 4.02
CA TYR F 92 35.17 36.38 4.32
C TYR F 92 34.79 36.38 5.80
N LYS F 93 35.50 37.21 6.57
CA LYS F 93 35.25 37.38 7.98
C LYS F 93 34.46 38.69 8.17
N CYS F 94 33.55 38.70 9.15
CA CYS F 94 32.96 39.95 9.59
C CYS F 94 33.12 40.05 11.11
N LYS F 95 33.80 41.11 11.55
CA LYS F 95 33.93 41.43 12.95
C LYS F 95 32.81 42.39 13.32
N VAL F 96 31.86 41.89 14.11
CA VAL F 96 30.72 42.68 14.54
C VAL F 96 31.01 43.11 15.98
N SER F 97 30.86 44.41 16.24
CA SER F 97 31.26 45.01 17.50
C SER F 97 30.13 45.86 18.08
N ASN F 98 29.30 45.22 18.93
CA ASN F 98 28.34 45.91 19.77
C ASN F 98 28.94 46.00 21.17
N LYS F 99 28.44 46.96 21.93
CA LYS F 99 28.86 47.15 23.31
C LYS F 99 28.30 46.01 24.14
N ALA F 100 27.01 45.69 23.93
CA ALA F 100 26.28 44.69 24.68
C ALA F 100 27.07 43.38 24.85
N LEU F 101 27.76 42.95 23.79
CA LEU F 101 28.52 41.71 23.82
C LEU F 101 29.84 41.95 24.56
N PRO F 102 30.21 41.09 25.54
CA PRO F 102 31.49 41.21 26.24
C PRO F 102 32.70 41.41 25.33
N ALA F 103 32.67 40.72 24.18
CA ALA F 103 33.72 40.80 23.18
C ALA F 103 33.07 40.83 21.78
N PRO F 104 33.55 41.66 20.83
CA PRO F 104 33.12 41.57 19.43
C PRO F 104 32.99 40.15 18.87
N ILE F 105 32.12 39.99 17.86
CA ILE F 105 31.82 38.68 17.28
C ILE F 105 32.53 38.54 15.94
N GLU F 106 33.19 37.40 15.75
CA GLU F 106 33.92 37.10 14.52
C GLU F 106 33.32 35.84 13.89
N LYS F 107 32.76 36.03 12.68
CA LYS F 107 32.20 34.96 11.87
C LYS F 107 32.88 34.95 10.50
N THR F 108 33.10 33.74 9.97
CA THR F 108 33.77 33.55 8.70
C THR F 108 32.90 32.67 7.80
N ILE F 109 32.83 33.03 6.51
CA ILE F 109 32.10 32.26 5.51
C ILE F 109 32.98 32.13 4.26
N SER F 110 32.77 31.04 3.50
CA SER F 110 33.54 30.73 2.31
C SER F 110 32.89 29.59 1.55
N LYS F 111 33.17 29.53 0.24
CA LYS F 111 32.75 28.41 -0.60
C LYS F 111 33.21 27.09 -0.02
N ALA F 112 32.43 26.03 -0.30
CA ALA F 112 32.66 24.73 0.29
C ALA F 112 33.91 24.09 -0.29
N LYS F 113 34.75 23.59 0.63
CA LYS F 113 36.02 22.97 0.29
C LYS F 113 35.76 21.64 -0.42
N GLY F 114 36.55 21.37 -1.48
CA GLY F 114 36.53 20.08 -2.13
C GLY F 114 36.64 20.23 -3.63
N GLN F 115 37.19 19.21 -4.27
CA GLN F 115 37.30 19.17 -5.72
C GLN F 115 35.91 19.40 -6.31
N PRO F 116 35.73 20.44 -7.15
CA PRO F 116 34.49 20.64 -7.88
C PRO F 116 34.12 19.46 -8.79
N ARG F 117 32.81 19.24 -8.96
CA ARG F 117 32.30 18.11 -9.71
C ARG F 117 31.14 18.55 -10.59
N GLU F 118 31.17 18.08 -11.84
CA GLU F 118 30.24 18.55 -12.85
C GLU F 118 28.85 17.91 -12.69
N PRO F 119 27.76 18.72 -12.71
CA PRO F 119 26.41 18.20 -12.68
C PRO F 119 26.04 17.42 -13.94
N GLN F 120 25.32 16.31 -13.74
CA GLN F 120 24.70 15.58 -14.84
C GLN F 120 23.23 15.94 -14.87
N VAL F 121 22.77 16.47 -16.01
CA VAL F 121 21.44 17.02 -16.15
C VAL F 121 20.60 16.09 -17.02
N TYR F 122 19.56 15.48 -16.44
CA TYR F 122 18.68 14.57 -17.16
C TYR F 122 17.23 15.02 -16.97
N THR F 123 16.50 15.14 -18.07
CA THR F 123 15.08 15.47 -17.99
C THR F 123 14.29 14.17 -18.07
N LEU F 124 13.19 14.12 -17.29
CA LEU F 124 12.29 12.97 -17.23
C LEU F 124 10.89 13.46 -17.61
N PRO F 125 10.18 12.79 -18.57
CA PRO F 125 8.79 13.16 -18.88
C PRO F 125 7.78 12.69 -17.83
N PRO F 126 6.52 13.17 -17.92
CA PRO F 126 5.47 12.77 -16.98
C PRO F 126 5.27 11.26 -16.93
N SER F 127 4.86 10.74 -15.78
CA SER F 127 4.39 9.36 -15.68
C SER F 127 3.13 9.19 -16.55
N ARG F 128 2.94 8.00 -17.12
CA ARG F 128 1.74 7.69 -17.88
C ARG F 128 0.50 7.96 -17.02
N ASP F 129 0.58 7.57 -15.74
CA ASP F 129 -0.55 7.69 -14.84
C ASP F 129 -0.97 9.15 -14.69
N GLU F 130 0.00 10.06 -14.80
CA GLU F 130 -0.25 11.47 -14.51
C GLU F 130 -1.08 12.10 -15.62
N LEU F 131 -1.11 11.45 -16.81
CA LEU F 131 -1.71 12.01 -18.02
C LEU F 131 -3.22 12.15 -17.89
N THR F 132 -3.79 11.45 -16.90
CA THR F 132 -5.22 11.54 -16.67
C THR F 132 -5.57 12.89 -16.06
N LYS F 133 -4.57 13.71 -15.68
CA LYS F 133 -4.83 14.96 -14.99
C LYS F 133 -4.85 16.12 -15.97
N ASN F 134 -5.13 17.31 -15.45
CA ASN F 134 -5.20 18.55 -16.21
C ASN F 134 -3.79 19.12 -16.38
N GLN F 135 -3.04 19.14 -15.27
CA GLN F 135 -1.66 19.58 -15.31
C GLN F 135 -0.73 18.37 -15.25
N VAL F 136 0.44 18.49 -15.87
CA VAL F 136 1.43 17.42 -15.83
C VAL F 136 2.76 17.96 -15.33
N SER F 137 3.64 17.03 -14.89
CA SER F 137 4.86 17.37 -14.18
C SER F 137 6.08 17.01 -15.02
N LEU F 138 6.71 18.05 -15.57
CA LEU F 138 7.97 17.91 -16.28
C LEU F 138 9.11 17.98 -15.26
N THR F 139 9.97 16.97 -15.26
CA THR F 139 10.94 16.76 -14.19
C THR F 139 12.36 16.94 -14.74
N CYS F 140 13.27 17.49 -13.92
CA CYS F 140 14.69 17.52 -14.24
C CYS F 140 15.53 17.07 -13.02
N LEU F 141 16.37 16.07 -13.26
CA LEU F 141 17.29 15.52 -12.29
C LEU F 141 18.67 16.13 -12.50
N VAL F 142 19.26 16.73 -11.46
CA VAL F 142 20.63 17.17 -11.50
C VAL F 142 21.41 16.40 -10.43
N LYS F 143 22.48 15.72 -10.85
CA LYS F 143 23.12 14.66 -10.07
C LYS F 143 24.64 14.80 -10.09
N GLY F 144 25.28 14.39 -8.98
CA GLY F 144 26.71 14.18 -8.91
C GLY F 144 27.55 15.48 -9.00
N PHE F 145 27.05 16.58 -8.41
CA PHE F 145 27.71 17.87 -8.54
C PHE F 145 28.23 18.38 -7.20
N TYR F 146 29.29 19.21 -7.27
CA TYR F 146 29.94 19.75 -6.10
C TYR F 146 30.63 21.06 -6.47
N PRO F 147 30.58 22.13 -5.62
CA PRO F 147 29.75 22.15 -4.41
C PRO F 147 28.28 22.38 -4.76
N SER F 148 27.45 22.50 -3.71
CA SER F 148 26.01 22.45 -3.85
C SER F 148 25.45 23.71 -4.51
N ASP F 149 26.18 24.84 -4.38
CA ASP F 149 25.76 26.09 -4.98
C ASP F 149 25.41 25.86 -6.45
N ILE F 150 24.15 26.14 -6.83
CA ILE F 150 23.70 25.89 -8.19
C ILE F 150 22.47 26.76 -8.50
N ALA F 151 22.25 27.01 -9.79
CA ALA F 151 21.06 27.72 -10.28
C ALA F 151 20.31 26.82 -11.25
N VAL F 152 18.97 26.90 -11.27
CA VAL F 152 18.15 26.09 -12.16
C VAL F 152 16.90 26.86 -12.55
N GLU F 153 16.69 27.04 -13.86
CA GLU F 153 15.49 27.68 -14.40
C GLU F 153 14.93 26.87 -15.56
N TRP F 154 13.68 27.19 -15.90
CA TRP F 154 12.98 26.57 -17.01
C TRP F 154 12.54 27.63 -18.01
N GLU F 155 12.39 27.21 -19.26
CA GLU F 155 11.93 28.07 -20.32
C GLU F 155 11.37 27.26 -21.48
N SER F 156 10.58 27.96 -22.31
CA SER F 156 10.04 27.40 -23.53
C SER F 156 9.89 28.49 -24.57
N ASN F 157 10.08 28.12 -25.84
CA ASN F 157 10.01 29.06 -26.95
C ASN F 157 10.79 30.33 -26.61
N GLY F 158 11.99 30.16 -26.02
CA GLY F 158 12.88 31.26 -25.69
C GLY F 158 12.25 32.28 -24.74
N GLN F 159 11.44 31.79 -23.80
CA GLN F 159 10.79 32.66 -22.84
C GLN F 159 10.70 31.93 -21.50
N PRO F 160 10.86 32.64 -20.35
CA PRO F 160 10.79 32.01 -19.03
C PRO F 160 9.48 31.30 -18.73
N GLU F 161 9.58 30.05 -18.25
CA GLU F 161 8.47 29.35 -17.63
C GLU F 161 8.66 29.42 -16.12
N ASN F 162 7.69 29.95 -15.39
CA ASN F 162 7.94 30.28 -14.00
C ASN F 162 7.25 29.33 -13.03
N ASN F 163 6.50 28.35 -13.53
CA ASN F 163 5.68 27.53 -12.66
C ASN F 163 6.42 26.24 -12.35
N TYR F 164 7.52 26.40 -11.62
CA TYR F 164 8.33 25.27 -11.21
C TYR F 164 8.79 25.52 -9.78
N LYS F 165 9.19 24.41 -9.15
CA LYS F 165 9.80 24.40 -7.85
C LYS F 165 10.98 23.45 -7.93
N THR F 166 12.07 23.79 -7.23
CA THR F 166 13.26 22.95 -7.22
C THR F 166 13.53 22.52 -5.80
N THR F 167 13.95 21.28 -5.62
CA THR F 167 14.21 20.83 -4.26
C THR F 167 15.52 21.47 -3.81
N PRO F 168 15.80 21.44 -2.49
CA PRO F 168 17.14 21.70 -2.00
C PRO F 168 18.06 20.65 -2.56
N PRO F 169 19.38 20.93 -2.57
CA PRO F 169 20.38 19.91 -2.88
C PRO F 169 20.37 18.92 -1.73
N VAL F 170 20.78 17.70 -2.08
CA VAL F 170 20.74 16.57 -1.19
C VAL F 170 22.05 15.82 -1.31
N LEU F 171 22.64 15.52 -0.15
CA LEU F 171 23.94 14.91 -0.13
C LEU F 171 23.79 13.44 -0.52
N ASP F 172 24.55 13.05 -1.54
CA ASP F 172 24.49 11.69 -2.04
C ASP F 172 25.53 10.85 -1.32
N SER F 173 25.49 9.54 -1.59
CA SER F 173 26.30 8.58 -0.84
C SER F 173 27.78 8.69 -1.20
N ASP F 174 28.09 9.31 -2.36
CA ASP F 174 29.45 9.54 -2.80
C ASP F 174 29.93 10.93 -2.40
N GLY F 175 29.13 11.69 -1.66
CA GLY F 175 29.52 13.03 -1.21
C GLY F 175 29.27 14.13 -2.26
N SER F 176 28.65 13.79 -3.40
CA SER F 176 28.19 14.77 -4.35
C SER F 176 26.77 15.22 -3.97
N PHE F 177 26.15 16.08 -4.80
CA PHE F 177 24.80 16.54 -4.52
C PHE F 177 23.87 16.16 -5.67
N PHE F 178 22.57 16.04 -5.36
CA PHE F 178 21.56 15.97 -6.39
C PHE F 178 20.39 16.82 -5.94
N LEU F 179 19.60 17.29 -6.92
CA LEU F 179 18.29 17.85 -6.67
C LEU F 179 17.37 17.45 -7.81
N TYR F 180 16.06 17.73 -7.65
CA TYR F 180 15.13 17.62 -8.76
C TYR F 180 14.41 18.97 -8.90
N SER F 181 14.10 19.33 -10.16
CA SER F 181 13.25 20.48 -10.43
C SER F 181 12.00 20.03 -11.17
N LYS F 182 10.86 20.68 -10.87
CA LYS F 182 9.55 20.25 -11.33
C LYS F 182 8.76 21.42 -11.89
N LEU F 183 8.58 21.44 -13.21
CA LEU F 183 7.74 22.41 -13.91
C LEU F 183 6.37 21.77 -14.18
N THR F 184 5.33 22.53 -13.88
CA THR F 184 3.96 22.09 -14.05
C THR F 184 3.34 22.86 -15.22
N VAL F 185 2.66 22.13 -16.12
CA VAL F 185 2.14 22.72 -17.35
C VAL F 185 0.85 22.01 -17.75
N ASP F 186 -0.10 22.79 -18.26
CA ASP F 186 -1.39 22.27 -18.67
C ASP F 186 -1.17 21.15 -19.69
N LYS F 187 -1.85 20.01 -19.46
CA LYS F 187 -1.62 18.82 -20.26
C LYS F 187 -1.84 19.13 -21.74
N SER F 188 -2.77 20.04 -22.06
CA SER F 188 -2.91 20.58 -23.41
C SER F 188 -1.55 20.87 -24.04
N ARG F 189 -0.76 21.73 -23.38
CA ARG F 189 0.51 22.20 -23.91
C ARG F 189 1.50 21.05 -24.07
N TRP F 190 1.56 20.14 -23.10
CA TRP F 190 2.49 19.04 -23.20
C TRP F 190 2.12 18.19 -24.42
N GLN F 191 0.81 18.08 -24.67
CA GLN F 191 0.26 17.13 -25.63
C GLN F 191 0.32 17.69 -27.05
N GLN F 192 0.18 19.01 -27.21
CA GLN F 192 0.38 19.66 -28.49
C GLN F 192 1.71 19.20 -29.07
N GLY F 193 2.78 19.38 -28.28
CA GLY F 193 4.12 18.89 -28.61
C GLY F 193 5.19 19.97 -28.49
N ASN F 194 4.99 20.92 -27.59
CA ASN F 194 5.94 22.00 -27.37
C ASN F 194 7.21 21.45 -26.74
N VAL F 195 8.23 22.30 -26.70
CA VAL F 195 9.52 21.91 -26.15
C VAL F 195 9.80 22.76 -24.92
N PHE F 196 10.23 22.08 -23.85
CA PHE F 196 10.59 22.76 -22.62
C PHE F 196 12.06 22.49 -22.31
N SER F 197 12.71 23.46 -21.67
CA SER F 197 14.14 23.37 -21.43
C SER F 197 14.45 23.74 -19.98
N CYS F 198 15.37 22.97 -19.39
CA CYS F 198 15.88 23.23 -18.06
C CYS F 198 17.32 23.73 -18.17
N SER F 199 17.55 24.99 -17.78
CA SER F 199 18.86 25.60 -17.78
C SER F 199 19.49 25.38 -16.41
N VAL F 200 20.72 24.87 -16.37
CA VAL F 200 21.44 24.64 -15.14
C VAL F 200 22.75 25.44 -15.22
N MET F 201 23.10 26.13 -14.14
CA MET F 201 24.34 26.87 -14.10
C MET F 201 25.11 26.45 -12.85
N HIS F 202 26.39 26.11 -13.07
CA HIS F 202 27.29 25.59 -12.06
C HIS F 202 28.73 25.93 -12.45
N GLU F 203 29.64 26.02 -11.46
CA GLU F 203 31.02 26.42 -11.72
C GLU F 203 31.72 25.35 -12.56
N ALA F 204 31.28 24.09 -12.43
CA ALA F 204 31.99 22.96 -12.99
C ALA F 204 31.49 22.67 -14.40
N LEU F 205 30.56 23.47 -14.91
CA LEU F 205 30.11 23.32 -16.28
C LEU F 205 30.93 24.22 -17.20
N HIS F 206 31.23 23.69 -18.41
CA HIS F 206 31.71 24.52 -19.49
C HIS F 206 30.71 25.65 -19.66
N ASN F 207 31.21 26.89 -19.71
CA ASN F 207 30.39 28.07 -19.93
C ASN F 207 29.57 28.39 -18.69
N HIS F 208 29.80 27.69 -17.56
CA HIS F 208 28.98 27.84 -16.38
C HIS F 208 27.50 27.65 -16.69
N TYR F 209 27.16 26.79 -17.66
CA TYR F 209 25.83 26.80 -18.23
C TYR F 209 25.62 25.58 -19.11
N THR F 210 24.47 24.93 -18.95
CA THR F 210 24.08 23.82 -19.80
C THR F 210 22.57 23.77 -19.82
N GLN F 211 22.02 23.01 -20.77
CA GLN F 211 20.59 23.03 -21.01
C GLN F 211 20.19 21.68 -21.58
N LYS F 212 18.98 21.25 -21.22
CA LYS F 212 18.44 19.96 -21.64
C LYS F 212 16.95 20.15 -21.91
N SER F 213 16.44 19.47 -22.93
CA SER F 213 15.11 19.75 -23.43
C SER F 213 14.24 18.51 -23.30
N LEU F 214 12.93 18.72 -23.46
CA LEU F 214 11.93 17.72 -23.14
C LEU F 214 10.65 18.04 -23.91
N SER F 215 10.10 17.02 -24.58
CA SER F 215 8.91 17.15 -25.41
C SER F 215 8.26 15.78 -25.59
N LEU F 216 6.97 15.79 -25.96
CA LEU F 216 6.15 14.59 -25.89
C LEU F 216 6.60 13.48 -26.84
N SER F 217 7.42 13.80 -27.85
CA SER F 217 8.03 12.78 -28.71
C SER F 217 7.24 12.68 -30.02
N ASP G 1 -23.45 -9.92 -0.61
CA ASP G 1 -22.48 -9.14 -1.43
C ASP G 1 -21.62 -8.26 -0.51
N ALA G 2 -20.87 -7.34 -1.14
CA ALA G 2 -20.08 -6.33 -0.45
C ALA G 2 -20.83 -5.78 0.75
N GLU G 3 -20.37 -6.19 1.96
CA GLU G 3 -21.11 -6.00 3.19
C GLU G 3 -20.77 -4.62 3.75
N PHE G 4 -20.99 -4.41 5.04
CA PHE G 4 -20.68 -3.15 5.69
C PHE G 4 -20.06 -3.50 7.04
N VAL G 5 -19.33 -4.61 7.11
CA VAL G 5 -19.03 -5.24 8.39
C VAL G 5 -18.61 -4.17 9.41
N LYS G 6 -19.27 -4.24 10.57
CA LYS G 6 -18.96 -3.30 11.63
C LYS G 6 -18.19 -4.04 12.71
N VAL G 7 -17.30 -3.30 13.36
CA VAL G 7 -16.53 -3.82 14.46
C VAL G 7 -16.98 -3.07 15.70
N LYS G 8 -17.44 -3.84 16.70
CA LYS G 8 -17.93 -3.27 17.94
C LYS G 8 -16.77 -3.29 18.93
N PHE G 9 -16.63 -2.20 19.70
CA PHE G 9 -15.55 -2.15 20.68
C PHE G 9 -15.92 -1.17 21.79
N LEU G 10 -15.07 -1.14 22.82
CA LEU G 10 -15.32 -0.36 24.03
C LEU G 10 -14.35 0.81 24.08
N LEU G 11 -14.88 2.00 24.27
CA LEU G 11 -14.05 3.18 24.43
C LEU G 11 -14.51 3.92 25.68
N ASN G 12 -13.59 4.07 26.65
CA ASN G 12 -13.91 4.68 27.93
C ASN G 12 -15.24 4.14 28.45
N GLY G 13 -15.42 2.80 28.36
CA GLY G 13 -16.62 2.15 28.85
C GLY G 13 -17.82 2.34 27.93
N GLU G 14 -17.78 3.35 27.04
CA GLU G 14 -18.82 3.53 26.03
C GLU G 14 -18.60 2.50 24.92
N GLU G 15 -19.68 1.86 24.46
CA GLU G 15 -19.59 0.83 23.45
C GLU G 15 -19.69 1.49 22.07
N LYS G 16 -18.53 1.81 21.47
CA LYS G 16 -18.47 2.36 20.12
C LYS G 16 -18.55 1.24 19.08
N GLU G 17 -18.68 1.65 17.82
CA GLU G 17 -18.75 0.75 16.69
C GLU G 17 -18.26 1.49 15.44
N VAL G 18 -17.36 0.89 14.65
CA VAL G 18 -16.81 1.53 13.45
C VAL G 18 -16.82 0.58 12.25
N ASP G 19 -17.02 1.15 11.06
CA ASP G 19 -17.02 0.36 9.84
C ASP G 19 -15.59 -0.08 9.54
N THR G 20 -15.40 -1.21 8.85
CA THR G 20 -14.06 -1.69 8.49
C THR G 20 -13.39 -0.71 7.53
N SER G 21 -14.17 -0.12 6.61
CA SER G 21 -13.65 0.75 5.57
C SER G 21 -13.03 2.04 6.12
N LYS G 22 -13.25 2.34 7.40
CA LYS G 22 -12.64 3.51 8.01
C LYS G 22 -11.35 3.14 8.74
N ILE G 23 -10.94 1.87 8.65
CA ILE G 23 -9.77 1.39 9.38
C ILE G 23 -8.54 1.48 8.47
N ARG G 24 -7.50 2.14 9.00
CA ARG G 24 -6.30 2.45 8.24
C ARG G 24 -5.19 1.45 8.55
N ASP G 25 -5.11 0.92 9.78
CA ASP G 25 -4.09 -0.07 10.12
C ASP G 25 -4.59 -0.98 11.22
N VAL G 26 -4.17 -2.26 11.20
CA VAL G 26 -4.47 -3.23 12.23
C VAL G 26 -3.19 -3.93 12.67
N ALA G 27 -3.20 -4.44 13.91
CA ALA G 27 -2.05 -5.12 14.47
C ALA G 27 -2.52 -6.00 15.62
N ARG G 28 -1.77 -7.08 15.87
CA ARG G 28 -2.11 -8.02 16.92
C ARG G 28 -1.09 -7.90 18.04
N GLN G 29 -1.61 -7.91 19.28
CA GLN G 29 -0.80 -8.03 20.47
C GLN G 29 -1.37 -9.15 21.35
N GLY G 30 -0.89 -10.37 21.11
CA GLY G 30 -1.36 -11.53 21.85
C GLY G 30 -2.74 -11.97 21.36
N LYS G 31 -3.74 -11.94 22.25
CA LYS G 31 -5.11 -12.28 21.90
C LYS G 31 -5.87 -11.02 21.50
N ASN G 32 -5.13 -9.91 21.44
CA ASN G 32 -5.70 -8.58 21.41
C ASN G 32 -5.35 -7.92 20.08
N VAL G 33 -6.37 -7.54 19.30
CA VAL G 33 -6.19 -6.89 18.02
C VAL G 33 -6.48 -5.40 18.16
N LYS G 34 -5.45 -4.58 17.99
CA LYS G 34 -5.57 -3.13 17.95
C LYS G 34 -5.86 -2.68 16.52
N PHE G 35 -6.44 -1.48 16.36
CA PHE G 35 -6.70 -0.92 15.04
C PHE G 35 -6.89 0.60 15.12
N LEU G 36 -6.20 1.30 14.22
CA LEU G 36 -6.35 2.73 14.01
C LEU G 36 -7.37 2.98 12.90
N TYR G 37 -8.29 3.94 13.13
CA TYR G 37 -9.38 4.20 12.20
C TYR G 37 -9.57 5.71 12.02
N ASN G 38 -10.30 6.06 10.96
CA ASN G 38 -10.52 7.45 10.58
C ASN G 38 -12.01 7.67 10.28
N ASP G 39 -12.74 8.10 11.32
CA ASP G 39 -14.20 8.16 11.30
C ASP G 39 -14.64 9.56 10.90
N ASN G 40 -15.00 9.70 9.61
CA ASN G 40 -15.55 10.92 9.04
C ASN G 40 -14.64 12.13 9.18
N GLY G 41 -13.41 11.94 9.68
CA GLY G 41 -12.42 13.01 9.72
C GLY G 41 -11.63 13.06 11.03
N LYS G 42 -12.10 12.36 12.08
CA LYS G 42 -11.33 12.25 13.30
C LYS G 42 -10.71 10.86 13.38
N TYR G 43 -9.47 10.82 13.90
CA TYR G 43 -8.74 9.58 14.06
C TYR G 43 -9.01 9.01 15.45
N GLY G 44 -9.22 7.70 15.54
CA GLY G 44 -9.36 7.04 16.82
C GLY G 44 -8.76 5.65 16.80
N ALA G 45 -8.53 5.10 18.01
CA ALA G 45 -8.01 3.75 18.18
C ALA G 45 -9.00 2.89 18.96
N GLY G 46 -8.83 1.57 18.86
CA GLY G 46 -9.78 0.60 19.40
C GLY G 46 -9.14 -0.79 19.55
N ASN G 47 -9.55 -1.50 20.61
CA ASN G 47 -9.13 -2.87 20.87
C ASN G 47 -10.29 -3.82 20.67
N VAL G 48 -9.94 -5.10 20.56
CA VAL G 48 -10.93 -6.15 20.54
C VAL G 48 -10.18 -7.43 20.88
N ASP G 49 -10.80 -8.32 21.66
CA ASP G 49 -10.21 -9.64 21.83
C ASP G 49 -10.37 -10.35 20.49
N GLU G 50 -9.41 -11.20 20.16
CA GLU G 50 -9.43 -11.95 18.91
C GLU G 50 -10.74 -12.74 18.76
N LYS G 51 -11.28 -13.25 19.88
CA LYS G 51 -12.51 -14.01 19.83
C LYS G 51 -13.64 -13.14 19.28
N ASP G 52 -13.60 -11.85 19.64
CA ASP G 52 -14.65 -10.89 19.31
C ASP G 52 -14.35 -10.16 17.99
N ALA G 53 -13.35 -10.63 17.24
CA ALA G 53 -12.93 -9.96 16.02
C ALA G 53 -13.59 -10.60 14.80
N PRO G 54 -14.27 -9.85 13.91
CA PRO G 54 -14.85 -10.42 12.71
C PRO G 54 -13.75 -10.89 11.76
N LYS G 55 -14.08 -11.90 10.97
CA LYS G 55 -13.28 -12.38 9.85
C LYS G 55 -12.58 -11.26 9.07
N GLU G 56 -13.34 -10.20 8.74
CA GLU G 56 -12.82 -9.18 7.85
C GLU G 56 -11.70 -8.41 8.53
N LEU G 57 -11.85 -8.18 9.85
CA LEU G 57 -10.80 -7.51 10.60
C LEU G 57 -9.54 -8.35 10.63
N LEU G 58 -9.70 -9.69 10.70
CA LEU G 58 -8.57 -10.58 10.79
C LEU G 58 -7.92 -10.74 9.44
N ASP G 59 -8.74 -10.71 8.38
CA ASP G 59 -8.27 -10.61 7.01
C ASP G 59 -7.43 -9.35 6.84
N MET G 60 -7.93 -8.21 7.29
CA MET G 60 -7.20 -6.96 7.22
C MET G 60 -5.85 -7.10 7.90
N LEU G 61 -5.86 -7.68 9.10
CA LEU G 61 -4.66 -7.83 9.93
C LEU G 61 -3.60 -8.62 9.17
N ALA G 62 -3.99 -9.78 8.64
CA ALA G 62 -3.09 -10.65 7.89
C ALA G 62 -2.52 -9.89 6.70
N ARG G 63 -3.40 -9.29 5.89
CA ARG G 63 -2.98 -8.50 4.74
C ARG G 63 -1.92 -7.48 5.14
N ALA G 64 -2.09 -6.83 6.30
CA ALA G 64 -1.18 -5.79 6.73
C ALA G 64 0.16 -6.37 7.18
N GLU G 65 0.12 -7.55 7.84
CA GLU G 65 1.35 -8.15 8.32
C GLU G 65 2.22 -8.49 7.11
N ARG G 66 1.57 -8.94 6.03
CA ARG G 66 2.23 -9.18 4.76
C ARG G 66 2.75 -7.87 4.17
N GLU G 67 1.86 -6.90 3.96
CA GLU G 67 2.18 -5.74 3.15
C GLU G 67 3.11 -4.78 3.87
N LYS G 68 2.72 -4.31 5.06
CA LYS G 68 3.17 -3.01 5.54
C LYS G 68 4.61 -3.08 6.06
N LYS G 69 4.84 -3.80 7.17
CA LYS G 69 6.17 -4.24 7.60
C LYS G 69 7.10 -3.02 7.83
N ASP H 1 41.69 21.54 -28.38
CA ASP H 1 41.30 20.73 -29.57
C ASP H 1 41.29 21.60 -30.82
N ALA H 2 40.20 22.37 -31.01
CA ALA H 2 39.91 22.99 -32.30
C ALA H 2 39.36 24.41 -32.14
N GLU H 3 39.86 25.12 -31.12
CA GLU H 3 39.61 26.55 -30.98
C GLU H 3 40.94 27.27 -30.84
N PHE H 4 41.60 27.08 -29.68
CA PHE H 4 42.86 27.74 -29.37
C PHE H 4 42.94 29.13 -29.99
N VAL H 5 42.10 30.06 -29.49
CA VAL H 5 42.29 31.48 -29.69
C VAL H 5 42.84 32.01 -28.38
N LYS H 6 43.79 32.94 -28.43
CA LYS H 6 44.28 33.54 -27.20
C LYS H 6 43.74 34.95 -27.10
N VAL H 7 43.46 35.37 -25.87
CA VAL H 7 43.02 36.72 -25.62
C VAL H 7 44.08 37.36 -24.73
N LYS H 8 44.64 38.48 -25.22
CA LYS H 8 45.68 39.19 -24.50
C LYS H 8 45.02 40.30 -23.70
N PHE H 9 45.48 40.52 -22.47
CA PHE H 9 44.91 41.57 -21.63
C PHE H 9 45.92 42.02 -20.59
N LEU H 10 45.54 43.05 -19.82
CA LEU H 10 46.39 43.68 -18.83
C LEU H 10 45.88 43.32 -17.44
N LEU H 11 46.79 42.80 -16.61
CA LEU H 11 46.48 42.55 -15.22
C LEU H 11 47.53 43.25 -14.35
N ASN H 12 47.07 44.15 -13.49
CA ASN H 12 47.96 45.01 -12.71
C ASN H 12 49.03 45.59 -13.64
N GLY H 13 48.64 46.05 -14.83
CA GLY H 13 49.56 46.60 -15.80
C GLY H 13 50.36 45.54 -16.54
N GLU H 14 50.54 44.35 -15.93
CA GLU H 14 51.28 43.27 -16.53
C GLU H 14 50.43 42.62 -17.62
N GLU H 15 51.06 42.31 -18.77
CA GLU H 15 50.33 41.84 -19.93
C GLU H 15 50.17 40.33 -19.87
N LYS H 16 49.02 39.87 -19.32
CA LYS H 16 48.67 38.45 -19.32
C LYS H 16 48.04 38.07 -20.66
N GLU H 17 47.84 36.76 -20.84
CA GLU H 17 47.20 36.19 -22.01
C GLU H 17 46.60 34.84 -21.61
N VAL H 18 45.32 34.58 -21.97
CA VAL H 18 44.67 33.34 -21.60
C VAL H 18 43.96 32.72 -22.81
N ASP H 19 43.86 31.39 -22.83
CA ASP H 19 43.22 30.66 -23.89
C ASP H 19 41.71 30.93 -23.85
N THR H 20 41.04 30.87 -25.01
CA THR H 20 39.60 31.06 -25.14
C THR H 20 38.87 29.96 -24.36
N SER H 21 39.38 28.74 -24.47
CA SER H 21 38.76 27.54 -23.92
C SER H 21 38.73 27.56 -22.40
N LYS H 22 39.46 28.47 -21.75
CA LYS H 22 39.46 28.58 -20.31
C LYS H 22 38.49 29.67 -19.85
N ILE H 23 37.73 30.25 -20.79
CA ILE H 23 36.81 31.33 -20.45
C ILE H 23 35.42 30.74 -20.20
N ARG H 24 34.86 31.09 -19.04
CA ARG H 24 33.61 30.51 -18.55
C ARG H 24 32.44 31.44 -18.84
N ASP H 25 32.66 32.76 -18.77
CA ASP H 25 31.59 33.72 -19.03
C ASP H 25 32.19 34.99 -19.64
N VAL H 26 31.42 35.62 -20.54
CA VAL H 26 31.78 36.91 -21.12
C VAL H 26 30.61 37.87 -20.97
N ALA H 27 30.94 39.17 -20.92
CA ALA H 27 29.95 40.20 -20.74
C ALA H 27 30.50 41.50 -21.30
N ARG H 28 29.60 42.36 -21.76
CA ARG H 28 30.00 43.58 -22.43
C ARG H 28 29.61 44.77 -21.57
N GLN H 29 30.52 45.74 -21.48
CA GLN H 29 30.30 47.00 -20.82
C GLN H 29 30.74 48.12 -21.75
N GLY H 30 29.85 48.53 -22.66
CA GLY H 30 30.16 49.44 -23.74
C GLY H 30 31.05 48.79 -24.80
N LYS H 31 32.24 49.38 -25.00
CA LYS H 31 33.22 48.87 -25.94
C LYS H 31 34.22 47.99 -25.19
N ASN H 32 33.87 47.68 -23.93
CA ASN H 32 34.74 46.94 -23.03
C ASN H 32 34.11 45.57 -22.78
N VAL H 33 34.86 44.50 -23.10
CA VAL H 33 34.39 43.15 -22.85
C VAL H 33 35.14 42.59 -21.64
N LYS H 34 34.38 42.31 -20.56
CA LYS H 34 34.90 41.57 -19.41
C LYS H 34 34.75 40.08 -19.66
N PHE H 35 35.54 39.29 -18.93
CA PHE H 35 35.47 37.84 -19.05
C PHE H 35 36.06 37.16 -17.81
N LEU H 36 35.30 36.18 -17.28
CA LEU H 36 35.74 35.31 -16.22
C LEU H 36 36.34 34.04 -16.81
N TYR H 37 37.50 33.62 -16.29
CA TYR H 37 38.23 32.49 -16.87
C TYR H 37 38.77 31.59 -15.76
N ASN H 38 39.14 30.37 -16.16
CA ASN H 38 39.57 29.34 -15.24
C ASN H 38 40.87 28.70 -15.75
N ASP H 39 42.00 29.26 -15.27
CA ASP H 39 43.32 28.99 -15.82
C ASP H 39 43.98 27.87 -15.00
N ASN H 40 43.94 26.65 -15.56
CA ASN H 40 44.56 25.47 -14.97
C ASN H 40 43.74 24.96 -13.78
N GLY H 41 43.00 25.85 -13.10
CA GLY H 41 42.37 25.49 -11.83
C GLY H 41 42.08 26.70 -10.96
N LYS H 42 42.72 27.86 -11.24
CA LYS H 42 42.42 29.07 -10.49
C LYS H 42 41.61 30.03 -11.37
N TYR H 43 40.72 30.79 -10.73
CA TYR H 43 39.78 31.66 -11.42
C TYR H 43 40.36 33.07 -11.48
N GLY H 44 40.21 33.72 -12.63
CA GLY H 44 40.58 35.12 -12.77
C GLY H 44 39.65 35.88 -13.69
N ALA H 45 39.71 37.23 -13.62
CA ALA H 45 38.96 38.12 -14.49
C ALA H 45 39.89 39.01 -15.31
N GLY H 46 39.35 39.58 -16.40
CA GLY H 46 40.15 40.29 -17.39
C GLY H 46 39.30 41.20 -18.26
N ASN H 47 39.86 42.35 -18.67
CA ASN H 47 39.21 43.29 -19.57
C ASN H 47 39.91 43.31 -20.93
N VAL H 48 39.21 43.83 -21.92
CA VAL H 48 39.80 44.10 -23.22
C VAL H 48 38.86 45.10 -23.91
N ASP H 49 39.44 46.07 -24.63
CA ASP H 49 38.62 46.89 -25.49
C ASP H 49 38.15 45.99 -26.63
N GLU H 50 36.94 46.27 -27.12
CA GLU H 50 36.34 45.48 -28.19
C GLU H 50 37.24 45.46 -29.42
N LYS H 51 37.95 46.56 -29.70
CA LYS H 51 38.83 46.62 -30.86
C LYS H 51 39.92 45.56 -30.72
N ASP H 52 40.36 45.32 -29.48
CA ASP H 52 41.47 44.42 -29.18
C ASP H 52 40.99 43.00 -28.88
N ALA H 53 39.71 42.73 -29.15
CA ALA H 53 39.11 41.42 -28.86
C ALA H 53 39.13 40.55 -30.10
N PRO H 54 39.58 39.29 -30.03
CA PRO H 54 39.39 38.34 -31.14
C PRO H 54 37.90 38.08 -31.36
N LYS H 55 37.54 37.76 -32.61
CA LYS H 55 36.14 37.65 -32.99
C LYS H 55 35.50 36.49 -32.23
N GLU H 56 36.30 35.48 -31.87
CA GLU H 56 35.82 34.31 -31.15
C GLU H 56 35.31 34.72 -29.77
N LEU H 57 36.00 35.66 -29.13
CA LEU H 57 35.55 36.14 -27.84
C LEU H 57 34.22 36.89 -27.96
N LEU H 58 34.04 37.58 -29.08
CA LEU H 58 32.82 38.36 -29.28
C LEU H 58 31.68 37.44 -29.68
N ASP H 59 32.02 36.37 -30.41
CA ASP H 59 31.09 35.28 -30.67
C ASP H 59 30.63 34.64 -29.35
N MET H 60 31.59 34.34 -28.47
CA MET H 60 31.26 33.80 -27.15
C MET H 60 30.28 34.73 -26.43
N LEU H 61 30.58 36.04 -26.46
CA LEU H 61 29.78 37.04 -25.76
C LEU H 61 28.34 37.02 -26.25
N ALA H 62 28.13 37.02 -27.57
CA ALA H 62 26.79 36.96 -28.15
C ALA H 62 26.05 35.71 -27.68
N ARG H 63 26.70 34.54 -27.85
CA ARG H 63 26.15 33.27 -27.40
C ARG H 63 25.68 33.38 -25.95
N ALA H 64 26.49 34.03 -25.09
CA ALA H 64 26.20 34.08 -23.67
C ALA H 64 25.06 35.05 -23.38
N GLU H 65 24.95 36.17 -24.13
CA GLU H 65 23.89 37.14 -23.91
C GLU H 65 22.56 36.44 -24.15
N ARG H 66 22.53 35.58 -25.18
CA ARG H 66 21.39 34.75 -25.48
C ARG H 66 21.15 33.74 -24.36
N GLU H 67 22.15 32.92 -24.05
CA GLU H 67 21.97 31.78 -23.17
C GLU H 67 21.73 32.21 -21.72
N LYS H 68 22.65 32.98 -21.13
CA LYS H 68 22.72 33.11 -19.68
C LYS H 68 21.62 34.06 -19.19
N LYS H 69 21.72 35.35 -19.51
CA LYS H 69 20.63 36.31 -19.36
C LYS H 69 20.01 36.38 -17.94
#